data_7B73
#
_entry.id   7B73
#
_cell.length_a   78.022
_cell.length_b   94.857
_cell.length_c   140.271
_cell.angle_alpha   90.000
_cell.angle_beta   90.000
_cell.angle_gamma   90.000
#
_symmetry.space_group_name_H-M   'P 21 21 21'
#
loop_
_entity.id
_entity.type
_entity.pdbx_description
1 polymer 'Short-chain dehydrogenase/reductase SDR'
2 non-polymer '2-[N-CYCLOHEXYLAMINO]ETHANE SULFONIC ACID'
3 non-polymer GLYCEROL
4 water water
#
_entity_poly.entity_id   1
_entity_poly.type   'polypeptide(L)'
_entity_poly.pdbx_seq_one_letter_code
;SHHHHHHSSGLVPRGSHMNNSQLAGKRILVTQADTFMGPTLCEVFAEMGAEVIADNNLLTDPALPAKIIQQAGHIDVLVI
NLAIPAPFTKGELVDDSEWSATFSAVVDPMPRLCTAVLPQMIERQGGKILVMGSASALRGMKRASTYSAARGAQLSYVKA
MGVEMAPQGIQINAIAQNFVDNPTYFPEETKANPKFQERLKRDVPLGRLVSLREDALFAAYLCSDAADCFVGQVFPVSGG
WAV
;
_entity_poly.pdbx_strand_id   A,B,C,D
#
loop_
_chem_comp.id
_chem_comp.type
_chem_comp.name
_chem_comp.formula
GOL non-polymer GLYCEROL 'C3 H8 O3'
NHE non-polymer '2-[N-CYCLOHEXYLAMINO]ETHANE SULFONIC ACID' 'C8 H17 N O3 S'
#
# COMPACT_ATOMS: atom_id res chain seq x y z
N SER A 1 -29.54 37.88 -6.67
CA SER A 1 -29.48 38.31 -5.20
C SER A 1 -28.56 37.43 -4.30
N HIS A 2 -28.03 36.29 -4.79
CA HIS A 2 -27.28 35.30 -3.96
C HIS A 2 -25.85 35.82 -3.64
N HIS A 3 -25.40 35.56 -2.41
CA HIS A 3 -24.19 36.20 -1.84
C HIS A 3 -22.89 35.70 -2.49
N HIS A 4 -22.87 34.50 -3.08
CA HIS A 4 -21.65 34.01 -3.76
C HIS A 4 -21.27 34.96 -4.91
N HIS A 5 -22.17 35.80 -5.42
CA HIS A 5 -21.84 36.65 -6.58
C HIS A 5 -20.89 37.80 -6.18
N HIS A 6 -20.84 38.24 -4.90
CA HIS A 6 -19.99 39.40 -4.52
C HIS A 6 -18.55 39.12 -4.98
N HIS A 7 -18.06 37.91 -4.74
CA HIS A 7 -16.64 37.58 -4.97
C HIS A 7 -16.44 36.44 -5.95
N SER A 8 -17.49 35.69 -6.35
CA SER A 8 -17.30 34.47 -7.20
C SER A 8 -18.01 34.65 -8.54
N SER A 9 -18.41 35.86 -8.90
CA SER A 9 -18.98 36.12 -10.24
C SER A 9 -17.93 35.92 -11.33
N GLY A 10 -18.35 35.32 -12.43
CA GLY A 10 -17.59 35.17 -13.68
C GLY A 10 -16.41 34.21 -13.59
N LEU A 11 -16.43 33.24 -12.68
CA LEU A 11 -15.27 32.33 -12.52
C LEU A 11 -15.56 31.01 -13.25
N VAL A 12 -14.61 30.50 -14.03
CA VAL A 12 -14.79 29.19 -14.74
C VAL A 12 -14.38 28.08 -13.77
N PRO A 13 -15.24 27.07 -13.49
CA PRO A 13 -14.86 25.97 -12.61
C PRO A 13 -13.60 25.21 -13.10
N ARG A 14 -12.83 24.65 -12.17
CA ARG A 14 -11.67 23.72 -12.38
C ARG A 14 -12.02 22.63 -13.39
N GLY A 15 -11.19 22.37 -14.41
CA GLY A 15 -11.42 21.31 -15.41
C GLY A 15 -12.60 21.56 -16.35
N SER A 16 -12.86 22.81 -16.75
CA SER A 16 -13.85 23.19 -17.81
C SER A 16 -13.13 23.40 -19.16
N ASN A 20 -15.85 17.33 -21.90
CA ASN A 20 -16.93 17.92 -22.73
C ASN A 20 -17.81 16.78 -23.28
N SER A 21 -17.18 15.80 -23.96
CA SER A 21 -17.88 14.59 -24.48
C SER A 21 -17.14 13.32 -24.01
N GLN A 22 -16.40 13.41 -22.89
CA GLN A 22 -15.63 12.26 -22.33
C GLN A 22 -16.58 11.10 -21.97
N LEU A 23 -17.83 11.36 -21.59
CA LEU A 23 -18.77 10.26 -21.24
C LEU A 23 -19.98 10.23 -22.18
N ALA A 24 -19.87 10.81 -23.37
CA ALA A 24 -20.97 10.91 -24.36
C ALA A 24 -21.52 9.51 -24.66
N GLY A 25 -22.84 9.36 -24.62
CA GLY A 25 -23.53 8.12 -25.04
C GLY A 25 -23.38 7.02 -24.00
N LYS A 26 -22.83 7.33 -22.83
CA LYS A 26 -22.74 6.35 -21.72
C LYS A 26 -23.94 6.51 -20.80
N ARG A 27 -24.61 5.40 -20.52
CA ARG A 27 -25.67 5.36 -19.51
C ARG A 27 -25.02 5.00 -18.18
N ILE A 28 -25.09 5.94 -17.26
CA ILE A 28 -24.44 5.78 -15.94
C ILE A 28 -25.47 5.86 -14.85
N LEU A 29 -25.58 4.79 -14.08
CA LEU A 29 -26.51 4.73 -12.95
C LEU A 29 -25.74 5.13 -11.71
N VAL A 30 -26.24 6.14 -11.00
CA VAL A 30 -25.65 6.62 -9.72
C VAL A 30 -26.61 6.30 -8.57
N THR A 31 -26.19 5.47 -7.65
CA THR A 31 -27.02 5.11 -6.47
C THR A 31 -26.99 6.26 -5.45
N GLN A 32 -27.99 6.29 -4.57
CA GLN A 32 -28.13 7.35 -3.54
C GLN A 32 -27.70 8.69 -4.16
N ALA A 33 -28.29 9.06 -5.28
CA ALA A 33 -27.82 10.15 -6.16
C ALA A 33 -28.01 11.50 -5.47
N ASP A 34 -28.81 11.52 -4.41
CA ASP A 34 -29.21 12.73 -3.66
C ASP A 34 -28.31 12.92 -2.45
N THR A 35 -27.35 12.03 -2.14
CA THR A 35 -26.49 12.12 -0.92
C THR A 35 -25.02 11.76 -1.20
N PHE A 36 -24.14 12.02 -0.21
CA PHE A 36 -22.65 11.86 -0.25
C PHE A 36 -22.20 12.53 -1.55
N MET A 37 -21.57 11.78 -2.44
CA MET A 37 -21.02 12.36 -3.67
C MET A 37 -22.07 12.37 -4.78
N GLY A 38 -23.27 11.83 -4.54
CA GLY A 38 -24.28 11.64 -5.61
C GLY A 38 -24.53 12.91 -6.43
N PRO A 39 -24.93 14.01 -5.77
CA PRO A 39 -25.27 15.21 -6.52
C PRO A 39 -24.15 15.64 -7.45
N THR A 40 -22.94 15.77 -6.92
CA THR A 40 -21.77 16.25 -7.71
C THR A 40 -21.49 15.29 -8.86
N LEU A 41 -21.57 13.98 -8.58
CA LEU A 41 -21.32 12.99 -9.64
C LEU A 41 -22.34 13.16 -10.77
N CYS A 42 -23.61 13.31 -10.41
CA CYS A 42 -24.71 13.44 -11.41
C CYS A 42 -24.44 14.68 -12.25
N GLU A 43 -24.04 15.77 -11.61
CA GLU A 43 -23.82 17.06 -12.33
C GLU A 43 -22.61 16.89 -13.24
N VAL A 44 -21.49 16.41 -12.69
CA VAL A 44 -20.25 16.34 -13.50
C VAL A 44 -20.43 15.34 -14.64
N PHE A 45 -21.01 14.17 -14.36
CA PHE A 45 -21.18 13.17 -15.43
C PHE A 45 -22.04 13.74 -16.56
N ALA A 46 -23.14 14.44 -16.23
CA ALA A 46 -24.01 15.09 -17.26
C ALA A 46 -23.20 16.12 -18.04
N GLU A 47 -22.38 16.88 -17.34
CA GLU A 47 -21.52 17.90 -17.95
C GLU A 47 -20.63 17.21 -18.99
N MET A 48 -20.18 15.97 -18.76
CA MET A 48 -19.23 15.29 -19.69
C MET A 48 -20.00 14.47 -20.73
N GLY A 49 -21.32 14.64 -20.79
CA GLY A 49 -22.17 14.06 -21.85
C GLY A 49 -22.81 12.74 -21.48
N ALA A 50 -22.71 12.27 -20.23
CA ALA A 50 -23.36 11.00 -19.83
C ALA A 50 -24.87 11.15 -19.83
N GLU A 51 -25.58 10.05 -20.06
CA GLU A 51 -27.01 9.92 -19.68
C GLU A 51 -27.05 9.34 -18.28
N VAL A 52 -27.40 10.16 -17.32
CA VAL A 52 -27.31 9.84 -15.88
C VAL A 52 -28.66 9.28 -15.44
N ILE A 53 -28.63 8.08 -14.89
CA ILE A 53 -29.79 7.45 -14.23
C ILE A 53 -29.57 7.66 -12.74
N ALA A 54 -30.35 8.53 -12.14
CA ALA A 54 -30.19 8.92 -10.73
C ALA A 54 -31.19 8.17 -9.86
N ASP A 55 -30.74 7.32 -8.94
CA ASP A 55 -31.63 6.63 -7.99
C ASP A 55 -31.37 7.16 -6.59
N ASN A 56 -32.42 7.65 -5.92
CA ASN A 56 -32.26 8.31 -4.60
C ASN A 56 -32.51 7.37 -3.43
N ASN A 57 -32.79 6.09 -3.66
CA ASN A 57 -33.17 5.20 -2.53
C ASN A 57 -31.95 4.86 -1.66
N LEU A 58 -32.11 4.92 -0.33
CA LEU A 58 -31.29 4.12 0.61
C LEU A 58 -31.54 2.64 0.27
N LEU A 59 -30.53 1.78 0.25
CA LEU A 59 -30.69 0.43 -0.33
C LEU A 59 -30.60 -0.60 0.78
N THR A 60 -31.22 -0.35 1.92
CA THR A 60 -31.20 -1.36 3.00
C THR A 60 -32.12 -2.54 2.61
N ASP A 61 -33.16 -2.33 1.82
CA ASP A 61 -34.09 -3.41 1.38
C ASP A 61 -33.37 -4.38 0.44
N PRO A 62 -33.18 -5.66 0.81
CA PRO A 62 -32.48 -6.62 -0.04
C PRO A 62 -33.02 -6.79 -1.46
N ALA A 63 -34.31 -6.52 -1.66
CA ALA A 63 -34.96 -6.73 -2.97
C ALA A 63 -34.69 -5.55 -3.90
N LEU A 64 -34.31 -4.39 -3.38
CA LEU A 64 -34.38 -3.14 -4.14
C LEU A 64 -33.29 -3.05 -5.19
N PRO A 65 -31.99 -3.36 -4.90
CA PRO A 65 -30.98 -3.24 -5.96
C PRO A 65 -31.35 -3.92 -7.29
N ALA A 66 -31.82 -5.17 -7.23
CA ALA A 66 -32.14 -5.94 -8.45
C ALA A 66 -33.22 -5.17 -9.23
N LYS A 67 -34.18 -4.58 -8.51
CA LYS A 67 -35.33 -3.91 -9.17
C LYS A 67 -34.82 -2.64 -9.86
N ILE A 68 -33.92 -1.90 -9.21
CA ILE A 68 -33.39 -0.65 -9.81
C ILE A 68 -32.59 -0.94 -11.09
N ILE A 69 -31.72 -1.95 -11.03
CA ILE A 69 -30.92 -2.35 -12.22
C ILE A 69 -31.88 -2.83 -13.34
N GLN A 70 -32.83 -3.68 -12.98
CA GLN A 70 -33.81 -4.25 -13.94
C GLN A 70 -34.51 -3.12 -14.71
N GLN A 71 -35.00 -2.12 -14.00
CA GLN A 71 -35.81 -1.07 -14.62
C GLN A 71 -34.95 -0.16 -15.50
N ALA A 72 -33.62 -0.11 -15.32
CA ALA A 72 -32.75 0.81 -16.06
C ALA A 72 -32.52 0.33 -17.48
N GLY A 73 -32.71 -0.97 -17.76
CA GLY A 73 -32.33 -1.51 -19.07
C GLY A 73 -30.80 -1.56 -19.23
N HIS A 74 -30.27 -0.86 -20.21
CA HIS A 74 -28.83 -0.83 -20.50
C HIS A 74 -28.11 0.08 -19.49
N ILE A 75 -27.08 -0.44 -18.85
CA ILE A 75 -26.19 0.35 -17.99
C ILE A 75 -24.75 0.12 -18.45
N ASP A 76 -24.08 1.21 -18.89
CA ASP A 76 -22.65 1.20 -19.25
C ASP A 76 -21.83 1.21 -17.96
N VAL A 77 -22.20 2.09 -17.03
CA VAL A 77 -21.38 2.32 -15.81
C VAL A 77 -22.31 2.32 -14.62
N LEU A 78 -22.02 1.49 -13.64
CA LEU A 78 -22.68 1.55 -12.32
C LEU A 78 -21.75 2.22 -11.31
N VAL A 79 -22.21 3.32 -10.72
CA VAL A 79 -21.47 4.03 -9.64
C VAL A 79 -22.16 3.74 -8.31
N ILE A 80 -21.49 2.89 -7.53
CA ILE A 80 -21.96 2.43 -6.21
C ILE A 80 -21.59 3.47 -5.17
N ASN A 81 -22.52 4.42 -4.98
CA ASN A 81 -22.41 5.54 -4.03
C ASN A 81 -23.31 5.14 -2.87
N LEU A 82 -22.77 4.59 -1.80
CA LEU A 82 -23.60 4.10 -0.68
C LEU A 82 -23.12 4.83 0.56
N ALA A 83 -24.01 5.35 1.38
CA ALA A 83 -23.54 6.07 2.57
C ALA A 83 -24.69 6.24 3.54
N ILE A 84 -24.28 6.26 4.79
CA ILE A 84 -25.08 6.82 5.91
C ILE A 84 -24.12 7.69 6.70
N PRO A 85 -24.64 8.57 7.57
CA PRO A 85 -23.75 9.36 8.43
C PRO A 85 -22.86 8.41 9.23
N ALA A 86 -21.55 8.62 9.16
CA ALA A 86 -20.58 7.71 9.78
C ALA A 86 -20.81 7.75 11.27
N PRO A 87 -21.03 6.62 11.96
CA PRO A 87 -20.98 6.61 13.41
C PRO A 87 -19.66 7.17 13.96
N PHE A 88 -19.74 7.94 15.05
CA PHE A 88 -18.60 8.53 15.79
C PHE A 88 -18.38 7.74 17.11
N THR A 89 -18.95 6.55 17.19
CA THR A 89 -19.01 5.75 18.44
C THR A 89 -17.62 5.28 18.84
N LYS A 90 -17.27 5.43 20.12
CA LYS A 90 -16.07 4.81 20.69
C LYS A 90 -16.06 3.30 20.41
N GLY A 91 -14.92 2.74 20.03
CA GLY A 91 -14.81 1.32 19.65
C GLY A 91 -15.38 0.38 20.69
N GLU A 92 -15.20 0.67 21.99
CA GLU A 92 -15.65 -0.24 23.08
C GLU A 92 -17.18 -0.17 23.23
N LEU A 93 -17.84 0.78 22.59
CA LEU A 93 -19.31 1.01 22.79
C LEU A 93 -20.14 0.61 21.58
N VAL A 94 -19.54 0.06 20.54
CA VAL A 94 -20.28 -0.28 19.32
C VAL A 94 -21.22 -1.45 19.60
N ASP A 95 -22.44 -1.38 19.06
CA ASP A 95 -23.46 -2.43 19.29
C ASP A 95 -23.96 -2.96 17.95
N ASP A 96 -24.67 -4.07 18.00
CA ASP A 96 -25.26 -4.76 16.82
C ASP A 96 -26.09 -3.79 15.98
N SER A 97 -26.84 -2.88 16.62
CA SER A 97 -27.72 -1.97 15.88
C SER A 97 -26.87 -1.08 14.98
N GLU A 98 -25.77 -0.56 15.49
CA GLU A 98 -24.86 0.31 14.71
C GLU A 98 -24.17 -0.50 13.60
N TRP A 99 -23.72 -1.69 13.94
CA TRP A 99 -22.97 -2.53 12.99
C TRP A 99 -23.92 -2.93 11.85
N SER A 100 -25.11 -3.41 12.21
CA SER A 100 -26.15 -3.83 11.23
C SER A 100 -26.55 -2.64 10.35
N ALA A 101 -26.82 -1.48 10.94
CA ALA A 101 -27.26 -0.27 10.22
C ALA A 101 -26.20 0.09 9.18
N THR A 102 -24.93 0.00 9.56
CA THR A 102 -23.83 0.48 8.68
C THR A 102 -23.64 -0.53 7.57
N PHE A 103 -23.48 -1.80 7.91
CA PHE A 103 -23.23 -2.85 6.90
C PHE A 103 -24.45 -2.98 5.98
N SER A 104 -25.67 -2.90 6.51
CA SER A 104 -26.89 -3.06 5.70
C SER A 104 -26.98 -1.99 4.62
N ALA A 105 -26.46 -0.81 4.91
CA ALA A 105 -26.57 0.36 3.99
C ALA A 105 -25.34 0.43 3.05
N VAL A 106 -24.16 0.12 3.56
CA VAL A 106 -22.87 0.45 2.90
C VAL A 106 -22.28 -0.78 2.23
N VAL A 107 -22.53 -1.97 2.78
CA VAL A 107 -21.81 -3.19 2.33
C VAL A 107 -22.76 -4.14 1.59
N ASP A 108 -23.84 -4.53 2.25
CA ASP A 108 -24.73 -5.59 1.71
C ASP A 108 -25.33 -5.21 0.37
N PRO A 109 -25.65 -3.93 0.04
CA PRO A 109 -26.23 -3.64 -1.27
C PRO A 109 -25.23 -3.85 -2.40
N MET A 110 -23.95 -3.77 -2.07
CA MET A 110 -22.90 -3.71 -3.10
C MET A 110 -22.94 -4.96 -3.97
N PRO A 111 -22.85 -6.20 -3.43
CA PRO A 111 -22.94 -7.39 -4.28
C PRO A 111 -24.32 -7.57 -4.93
N ARG A 112 -25.37 -7.10 -4.29
CA ARG A 112 -26.72 -7.20 -4.94
C ARG A 112 -26.72 -6.37 -6.23
N LEU A 113 -26.20 -5.15 -6.17
CA LEU A 113 -26.10 -4.27 -7.34
C LEU A 113 -25.22 -4.95 -8.38
N CYS A 114 -24.07 -5.49 -7.99
CA CYS A 114 -23.10 -6.05 -8.96
C CYS A 114 -23.67 -7.33 -9.59
N THR A 115 -24.25 -8.24 -8.80
CA THR A 115 -24.86 -9.48 -9.38
C THR A 115 -26.04 -9.12 -10.29
N ALA A 116 -26.76 -8.02 -10.04
CA ALA A 116 -27.86 -7.59 -10.91
C ALA A 116 -27.31 -7.09 -12.26
N VAL A 117 -26.23 -6.28 -12.28
CA VAL A 117 -25.77 -5.61 -13.52
C VAL A 117 -24.72 -6.45 -14.25
N LEU A 118 -24.00 -7.34 -13.58
CA LEU A 118 -22.89 -8.06 -14.27
C LEU A 118 -23.34 -8.92 -15.45
N PRO A 119 -24.50 -9.63 -15.43
CA PRO A 119 -24.89 -10.46 -16.57
C PRO A 119 -24.93 -9.69 -17.89
N GLN A 120 -25.50 -8.46 -17.97
CA GLN A 120 -25.54 -7.78 -19.27
C GLN A 120 -24.11 -7.40 -19.67
N MET A 121 -23.29 -7.04 -18.70
CA MET A 121 -21.89 -6.62 -19.00
C MET A 121 -21.08 -7.83 -19.46
N ILE A 122 -21.22 -8.96 -18.81
CA ILE A 122 -20.53 -10.22 -19.22
C ILE A 122 -20.96 -10.57 -20.64
N GLU A 123 -22.25 -10.51 -20.90
CA GLU A 123 -22.77 -10.94 -22.23
C GLU A 123 -22.13 -10.06 -23.31
N ARG A 124 -21.94 -8.76 -23.12
CA ARG A 124 -21.43 -7.94 -24.22
C ARG A 124 -19.93 -7.69 -24.07
N GLN A 125 -19.31 -8.24 -23.02
CA GLN A 125 -17.85 -8.12 -22.72
C GLN A 125 -17.49 -6.63 -22.57
N GLY A 126 -18.28 -5.89 -21.79
CA GLY A 126 -17.98 -4.47 -21.51
C GLY A 126 -18.80 -3.96 -20.36
N GLY A 127 -18.27 -2.93 -19.68
CA GLY A 127 -18.98 -2.28 -18.57
C GLY A 127 -18.03 -1.89 -17.47
N LYS A 128 -18.48 -0.98 -16.63
CA LYS A 128 -17.67 -0.49 -15.51
C LYS A 128 -18.51 -0.49 -14.25
N ILE A 129 -17.87 -0.81 -13.13
CA ILE A 129 -18.47 -0.60 -11.78
C ILE A 129 -17.45 0.22 -10.98
N LEU A 130 -17.84 1.42 -10.52
CA LEU A 130 -16.97 2.26 -9.66
C LEU A 130 -17.59 2.35 -8.29
N VAL A 131 -16.87 1.99 -7.24
CA VAL A 131 -17.33 2.13 -5.85
C VAL A 131 -16.78 3.44 -5.29
N MET A 132 -17.68 4.29 -4.78
CA MET A 132 -17.27 5.53 -4.09
C MET A 132 -16.99 5.18 -2.64
N GLY A 133 -15.73 4.85 -2.38
CA GLY A 133 -15.31 4.32 -1.07
C GLY A 133 -14.59 5.35 -0.24
N SER A 134 -13.96 4.86 0.81
CA SER A 134 -13.41 5.69 1.88
C SER A 134 -11.95 5.32 2.20
N ALA A 135 -11.09 6.33 2.34
CA ALA A 135 -9.69 6.16 2.76
C ALA A 135 -9.65 5.81 4.23
N SER A 136 -10.78 5.86 4.95
CA SER A 136 -10.81 5.38 6.35
C SER A 136 -10.51 3.88 6.40
N ALA A 137 -10.72 3.18 5.28
CA ALA A 137 -10.46 1.73 5.13
C ALA A 137 -8.93 1.49 4.96
N LEU A 138 -8.20 2.51 4.50
CA LEU A 138 -6.75 2.41 4.23
C LEU A 138 -5.94 2.80 5.46
N ARG A 139 -6.34 3.85 6.16
CA ARG A 139 -5.55 4.45 7.24
C ARG A 139 -6.44 4.61 8.46
N GLY A 140 -5.96 4.15 9.61
CA GLY A 140 -6.77 4.12 10.83
C GLY A 140 -7.02 5.53 11.37
N MET A 141 -8.27 5.79 11.74
CA MET A 141 -8.61 7.01 12.49
C MET A 141 -9.43 6.59 13.70
N LYS A 142 -9.46 7.48 14.69
CA LYS A 142 -10.23 7.28 15.95
C LYS A 142 -11.72 7.44 15.69
N ARG A 143 -12.52 6.71 16.47
CA ARG A 143 -13.99 6.84 16.57
C ARG A 143 -14.61 6.67 15.18
N ALA A 144 -14.10 5.70 14.43
CA ALA A 144 -14.60 5.41 13.08
C ALA A 144 -14.54 3.91 12.82
N SER A 145 -14.55 3.09 13.86
CA SER A 145 -14.26 1.64 13.70
C SER A 145 -15.33 0.95 12.82
N THR A 146 -16.62 1.16 13.09
CA THR A 146 -17.67 0.51 12.30
C THR A 146 -17.58 0.95 10.85
N TYR A 147 -17.52 2.26 10.65
CA TYR A 147 -17.53 2.81 9.29
C TYR A 147 -16.30 2.32 8.51
N SER A 148 -15.15 2.35 9.16
CA SER A 148 -13.88 1.87 8.56
C SER A 148 -14.03 0.41 8.12
N ALA A 149 -14.56 -0.47 8.98
CA ALA A 149 -14.72 -1.91 8.68
C ALA A 149 -15.63 -2.07 7.47
N ALA A 150 -16.74 -1.34 7.41
CA ALA A 150 -17.69 -1.42 6.28
C ALA A 150 -16.97 -0.95 5.00
N ARG A 151 -16.17 0.11 5.11
CA ARG A 151 -15.48 0.67 3.93
C ARG A 151 -14.36 -0.31 3.49
N GLY A 152 -13.77 -1.08 4.40
CA GLY A 152 -12.75 -2.09 4.07
C GLY A 152 -13.35 -3.23 3.30
N ALA A 153 -14.56 -3.66 3.67
CA ALA A 153 -15.31 -4.70 2.91
C ALA A 153 -15.48 -4.21 1.47
N GLN A 154 -15.83 -2.94 1.25
CA GLN A 154 -15.99 -2.44 -0.14
C GLN A 154 -14.67 -2.58 -0.89
N LEU A 155 -13.57 -2.04 -0.33
CA LEU A 155 -12.30 -1.94 -1.10
C LEU A 155 -11.82 -3.36 -1.43
N SER A 156 -11.91 -4.31 -0.51
CA SER A 156 -11.42 -5.69 -0.72
C SER A 156 -12.31 -6.42 -1.73
N TYR A 157 -13.62 -6.16 -1.68
CA TYR A 157 -14.58 -6.68 -2.68
C TYR A 157 -14.09 -6.21 -4.08
N VAL A 158 -13.83 -4.91 -4.20
CA VAL A 158 -13.39 -4.34 -5.49
C VAL A 158 -12.11 -5.03 -5.95
N LYS A 159 -11.11 -5.19 -5.11
CA LYS A 159 -9.81 -5.73 -5.59
C LYS A 159 -10.03 -7.16 -6.11
N ALA A 160 -10.90 -7.92 -5.44
CA ALA A 160 -11.14 -9.33 -5.81
C ALA A 160 -12.00 -9.39 -7.08
N MET A 161 -13.13 -8.68 -7.08
CA MET A 161 -14.03 -8.67 -8.24
C MET A 161 -13.31 -8.06 -9.46
N GLY A 162 -12.44 -7.06 -9.26
CA GLY A 162 -11.80 -6.44 -10.44
C GLY A 162 -10.86 -7.42 -11.10
N VAL A 163 -10.14 -8.20 -10.31
CA VAL A 163 -9.28 -9.27 -10.91
C VAL A 163 -10.17 -10.29 -11.63
N GLU A 164 -11.27 -10.66 -11.01
CA GLU A 164 -12.14 -11.73 -11.53
C GLU A 164 -12.80 -11.29 -12.83
N MET A 165 -13.30 -10.05 -12.94
CA MET A 165 -14.13 -9.60 -14.06
C MET A 165 -13.29 -8.97 -15.19
N ALA A 166 -12.01 -8.66 -14.96
CA ALA A 166 -11.11 -8.04 -15.96
C ALA A 166 -11.09 -8.85 -17.25
N PRO A 167 -10.89 -10.18 -17.19
CA PRO A 167 -10.85 -11.00 -18.40
C PRO A 167 -12.15 -11.00 -19.19
N GLN A 168 -13.26 -10.57 -18.59
CA GLN A 168 -14.56 -10.44 -19.29
C GLN A 168 -14.76 -9.04 -19.83
N GLY A 169 -13.72 -8.18 -19.83
CA GLY A 169 -13.77 -6.87 -20.48
C GLY A 169 -14.47 -5.83 -19.61
N ILE A 170 -14.56 -6.06 -18.31
CA ILE A 170 -15.29 -5.22 -17.31
C ILE A 170 -14.28 -4.62 -16.32
N GLN A 171 -14.37 -3.32 -16.06
CA GLN A 171 -13.47 -2.62 -15.12
C GLN A 171 -14.21 -2.29 -13.84
N ILE A 172 -13.76 -2.86 -12.74
CA ILE A 172 -14.26 -2.64 -11.38
C ILE A 172 -13.15 -2.01 -10.55
N ASN A 173 -13.38 -0.77 -10.13
CA ASN A 173 -12.40 0.05 -9.40
C ASN A 173 -13.08 0.79 -8.26
N ALA A 174 -12.30 1.43 -7.41
CA ALA A 174 -12.83 2.23 -6.31
C ALA A 174 -12.03 3.52 -6.17
N ILE A 175 -12.72 4.57 -5.73
CA ILE A 175 -12.08 5.72 -5.06
C ILE A 175 -12.14 5.48 -3.55
N ALA A 176 -11.06 5.84 -2.84
CA ALA A 176 -10.98 5.79 -1.37
C ALA A 176 -10.75 7.23 -0.87
N GLN A 177 -11.84 7.93 -0.57
CA GLN A 177 -11.71 9.39 -0.33
C GLN A 177 -11.65 9.72 1.15
N ASN A 178 -11.04 10.87 1.45
CA ASN A 178 -11.18 11.53 2.76
C ASN A 178 -10.85 13.01 2.53
N PHE A 179 -11.26 13.85 3.45
CA PHE A 179 -10.95 15.31 3.38
C PHE A 179 -11.42 15.88 2.05
N VAL A 180 -12.59 15.41 1.60
CA VAL A 180 -13.35 16.02 0.50
C VAL A 180 -14.38 16.96 1.12
N ASP A 181 -14.61 18.08 0.46
CA ASP A 181 -15.42 19.20 1.01
C ASP A 181 -16.93 18.90 0.91
N ASN A 182 -17.37 17.94 1.71
CA ASN A 182 -18.79 17.54 1.87
C ASN A 182 -19.26 18.35 3.07
N PRO A 183 -20.14 19.37 2.90
CA PRO A 183 -20.54 20.24 4.03
C PRO A 183 -21.17 19.50 5.22
N THR A 184 -21.67 18.29 5.02
CA THR A 184 -22.14 17.41 6.12
C THR A 184 -21.02 17.13 7.13
N TYR A 185 -19.82 16.86 6.66
CA TYR A 185 -18.67 16.56 7.55
C TYR A 185 -17.82 17.81 7.80
N PHE A 186 -17.86 18.78 6.89
CA PHE A 186 -17.06 20.04 7.04
C PHE A 186 -17.98 21.24 6.91
N PRO A 187 -18.80 21.50 7.93
CA PRO A 187 -19.77 22.58 7.86
C PRO A 187 -19.06 23.94 7.81
N GLU A 188 -19.77 24.97 7.34
CA GLU A 188 -19.19 26.36 7.28
C GLU A 188 -18.61 26.74 8.66
N GLU A 189 -19.27 26.38 9.74
CA GLU A 189 -18.86 26.81 11.10
C GLU A 189 -17.50 26.19 11.43
N THR A 190 -17.22 24.97 10.94
CA THR A 190 -15.90 24.32 11.11
C THR A 190 -14.88 25.03 10.23
N LYS A 191 -15.21 25.29 8.96
CA LYS A 191 -14.23 25.86 8.00
C LYS A 191 -13.84 27.29 8.45
N ALA A 192 -14.71 27.95 9.20
CA ALA A 192 -14.53 29.36 9.65
C ALA A 192 -13.71 29.39 10.94
N ASN A 193 -13.19 28.24 11.38
CA ASN A 193 -12.45 28.14 12.65
C ASN A 193 -10.96 28.05 12.31
N PRO A 194 -10.12 28.99 12.77
CA PRO A 194 -8.72 28.99 12.34
C PRO A 194 -7.98 27.73 12.82
N LYS A 195 -8.39 27.15 13.94
CA LYS A 195 -7.69 25.96 14.48
C LYS A 195 -7.94 24.80 13.53
N PHE A 196 -9.14 24.72 12.94
CA PHE A 196 -9.46 23.65 11.94
C PHE A 196 -8.54 23.79 10.74
N GLN A 197 -8.38 25.00 10.21
CA GLN A 197 -7.52 25.27 9.04
C GLN A 197 -6.08 24.90 9.40
N GLU A 198 -5.65 25.19 10.63
CA GLU A 198 -4.25 24.96 11.06
C GLU A 198 -4.04 23.44 11.19
N ARG A 199 -5.01 22.73 11.77
CA ARG A 199 -4.95 21.25 11.92
C ARG A 199 -5.01 20.58 10.54
N LEU A 200 -5.84 21.09 9.63
CA LEU A 200 -6.00 20.56 8.26
C LEU A 200 -4.65 20.63 7.54
N LYS A 201 -3.93 21.74 7.66
CA LYS A 201 -2.62 21.93 6.99
C LYS A 201 -1.58 20.98 7.64
N ARG A 202 -1.76 20.60 8.90
CA ARG A 202 -0.86 19.64 9.59
C ARG A 202 -1.10 18.23 9.06
N ASP A 203 -2.36 17.80 9.03
CA ASP A 203 -2.77 16.40 8.79
C ASP A 203 -2.90 16.09 7.29
N VAL A 204 -3.09 17.08 6.43
CA VAL A 204 -3.40 16.86 4.99
C VAL A 204 -2.33 17.56 4.17
N PRO A 205 -1.41 16.79 3.53
CA PRO A 205 -0.34 17.41 2.75
C PRO A 205 -0.82 18.49 1.77
N LEU A 206 -1.97 18.29 1.10
CA LEU A 206 -2.56 19.25 0.14
C LEU A 206 -2.77 20.59 0.81
N GLY A 207 -3.07 20.58 2.10
CA GLY A 207 -3.24 21.84 2.87
C GLY A 207 -4.61 22.48 2.66
N ARG A 208 -5.56 21.73 2.10
CA ARG A 208 -6.94 22.21 1.89
C ARG A 208 -7.78 20.96 1.65
N LEU A 209 -9.10 21.06 1.74
CA LEU A 209 -10.02 20.00 1.31
C LEU A 209 -9.94 19.82 -0.20
N VAL A 210 -9.95 18.55 -0.62
CA VAL A 210 -10.26 18.20 -2.03
C VAL A 210 -11.68 18.67 -2.36
N SER A 211 -11.86 19.40 -3.46
CA SER A 211 -13.20 19.92 -3.83
C SER A 211 -14.07 18.74 -4.25
N LEU A 212 -15.37 18.83 -4.00
CA LEU A 212 -16.34 17.87 -4.59
C LEU A 212 -16.05 17.70 -6.07
N ARG A 213 -15.85 18.80 -6.79
CA ARG A 213 -15.68 18.75 -8.24
C ARG A 213 -14.41 17.92 -8.56
N GLU A 214 -13.31 18.15 -7.87
CA GLU A 214 -12.04 17.46 -8.17
C GLU A 214 -12.28 15.96 -8.07
N ASP A 215 -12.97 15.56 -7.02
CA ASP A 215 -13.27 14.13 -6.74
C ASP A 215 -14.14 13.58 -7.88
N ALA A 216 -15.17 14.33 -8.27
CA ALA A 216 -16.09 13.87 -9.33
C ALA A 216 -15.39 13.86 -10.69
N LEU A 217 -14.50 14.79 -10.95
CA LEU A 217 -13.75 14.81 -12.23
C LEU A 217 -12.87 13.53 -12.33
N PHE A 218 -12.29 13.13 -11.21
CA PHE A 218 -11.49 11.86 -11.14
C PHE A 218 -12.41 10.64 -11.37
N ALA A 219 -13.56 10.60 -10.72
CA ALA A 219 -14.58 9.55 -10.97
C ALA A 219 -14.95 9.54 -12.45
N ALA A 220 -15.13 10.72 -13.08
CA ALA A 220 -15.53 10.83 -14.50
C ALA A 220 -14.39 10.24 -15.34
N TYR A 221 -13.14 10.54 -15.02
CA TYR A 221 -12.00 9.92 -15.74
C TYR A 221 -12.11 8.39 -15.65
N LEU A 222 -12.33 7.87 -14.45
CA LEU A 222 -12.34 6.39 -14.24
C LEU A 222 -13.52 5.77 -14.99
N CYS A 223 -14.56 6.54 -15.28
CA CYS A 223 -15.74 6.05 -16.00
C CYS A 223 -15.54 6.14 -17.52
N SER A 224 -14.40 6.70 -17.97
CA SER A 224 -14.16 6.99 -19.41
C SER A 224 -13.44 5.82 -20.06
N ASP A 225 -13.44 5.81 -21.40
CA ASP A 225 -12.78 4.74 -22.18
C ASP A 225 -11.27 4.75 -21.90
N ALA A 226 -10.69 5.93 -21.64
CA ALA A 226 -9.25 6.08 -21.37
C ALA A 226 -8.84 5.19 -20.18
N ALA A 227 -9.76 5.01 -19.24
CA ALA A 227 -9.48 4.26 -17.99
C ALA A 227 -9.78 2.76 -18.14
N ASP A 228 -9.98 2.24 -19.35
CA ASP A 228 -10.17 0.78 -19.56
C ASP A 228 -8.97 -0.05 -19.06
N CYS A 229 -7.80 0.58 -18.90
CA CYS A 229 -6.55 -0.09 -18.41
C CYS A 229 -6.59 -0.36 -16.91
N PHE A 230 -7.52 0.25 -16.18
CA PHE A 230 -7.56 0.11 -14.71
C PHE A 230 -8.59 -0.95 -14.35
N VAL A 231 -8.12 -1.97 -13.65
CA VAL A 231 -8.95 -3.09 -13.11
C VAL A 231 -8.55 -3.36 -11.66
N GLY A 232 -9.56 -3.52 -10.82
CA GLY A 232 -9.36 -3.94 -9.44
C GLY A 232 -8.48 -2.98 -8.69
N GLN A 233 -8.51 -1.68 -9.05
CA GLN A 233 -7.59 -0.69 -8.44
C GLN A 233 -8.35 0.26 -7.48
N VAL A 234 -7.75 0.54 -6.33
CA VAL A 234 -8.20 1.55 -5.37
C VAL A 234 -7.38 2.83 -5.57
N PHE A 235 -8.06 3.95 -5.73
CA PHE A 235 -7.40 5.25 -5.92
C PHE A 235 -7.69 6.14 -4.72
N PRO A 236 -6.69 6.35 -3.85
CA PRO A 236 -6.89 7.27 -2.74
C PRO A 236 -7.06 8.67 -3.27
N VAL A 237 -8.08 9.34 -2.76
CA VAL A 237 -8.37 10.76 -3.05
C VAL A 237 -8.54 11.45 -1.70
N SER A 238 -7.44 11.87 -1.11
CA SER A 238 -7.45 12.42 0.27
C SER A 238 -6.40 13.50 0.49
N GLY A 239 -5.90 14.12 -0.57
CA GLY A 239 -4.93 15.23 -0.49
C GLY A 239 -3.63 14.77 0.16
N GLY A 240 -3.34 13.47 0.02
CA GLY A 240 -2.09 12.87 0.54
C GLY A 240 -2.23 12.33 1.95
N TRP A 241 -3.37 12.51 2.60
CA TRP A 241 -3.62 11.93 3.95
C TRP A 241 -3.42 10.41 3.91
N ALA A 242 -3.97 9.80 2.86
CA ALA A 242 -3.66 8.40 2.47
C ALA A 242 -3.32 8.39 0.98
N VAL A 243 -2.20 7.77 0.64
CA VAL A 243 -1.78 7.60 -0.76
C VAL A 243 -1.60 6.10 -1.03
N HIS B 3 -25.89 1.45 -45.17
CA HIS B 3 -25.42 1.71 -46.56
C HIS B 3 -24.75 3.10 -46.64
N HIS B 4 -25.27 4.10 -45.91
CA HIS B 4 -24.56 5.36 -45.58
C HIS B 4 -23.27 5.04 -44.81
N HIS B 5 -23.29 4.00 -43.96
CA HIS B 5 -22.20 3.69 -42.99
C HIS B 5 -20.88 3.38 -43.70
N HIS B 6 -20.90 2.86 -44.94
CA HIS B 6 -19.64 2.52 -45.66
C HIS B 6 -18.66 3.69 -45.57
N HIS B 7 -19.11 4.90 -45.87
CA HIS B 7 -18.25 6.10 -45.96
C HIS B 7 -18.62 7.12 -44.89
N SER B 8 -19.83 7.05 -44.31
CA SER B 8 -20.50 8.16 -43.58
C SER B 8 -20.50 7.92 -42.07
N ASN B 20 -8.92 19.02 -28.63
CA ASN B 20 -8.94 18.98 -27.14
C ASN B 20 -8.06 20.10 -26.57
N SER B 21 -8.37 20.57 -25.36
CA SER B 21 -7.70 21.72 -24.70
C SER B 21 -7.45 21.48 -23.21
N GLN B 22 -7.42 20.22 -22.76
CA GLN B 22 -7.12 19.82 -21.35
C GLN B 22 -5.80 20.46 -20.86
N LEU B 23 -4.80 20.63 -21.72
CA LEU B 23 -3.47 21.15 -21.29
C LEU B 23 -3.18 22.45 -22.07
N ALA B 24 -4.25 23.08 -22.58
CA ALA B 24 -4.11 24.29 -23.43
C ALA B 24 -3.27 25.32 -22.67
N GLY B 25 -2.24 25.82 -23.31
CA GLY B 25 -1.48 26.98 -22.80
C GLY B 25 -0.52 26.56 -21.70
N LYS B 26 -0.38 25.27 -21.44
CA LYS B 26 0.68 24.78 -20.53
C LYS B 26 1.93 24.49 -21.35
N ARG B 27 3.06 24.99 -20.86
CA ARG B 27 4.41 24.67 -21.41
C ARG B 27 4.93 23.46 -20.63
N ILE B 28 5.15 22.37 -21.32
CA ILE B 28 5.48 21.09 -20.63
C ILE B 28 6.78 20.57 -21.19
N LEU B 29 7.79 20.45 -20.34
CA LEU B 29 9.10 19.91 -20.74
C LEU B 29 9.07 18.40 -20.50
N VAL B 30 9.46 17.63 -21.49
CA VAL B 30 9.53 16.14 -21.40
C VAL B 30 10.97 15.75 -21.65
N THR B 31 11.61 15.16 -20.65
CA THR B 31 13.00 14.65 -20.71
C THR B 31 13.07 13.31 -21.45
N GLN B 32 14.26 13.01 -21.98
CA GLN B 32 14.52 11.83 -22.84
C GLN B 32 13.30 11.58 -23.71
N ALA B 33 12.90 12.59 -24.47
CA ALA B 33 11.63 12.61 -25.23
C ALA B 33 11.60 11.58 -26.36
N ASP B 34 12.74 11.00 -26.70
CA ASP B 34 12.86 10.00 -27.79
C ASP B 34 12.79 8.58 -27.22
N THR B 35 12.69 8.34 -25.92
CA THR B 35 12.67 6.94 -25.44
C THR B 35 11.74 6.78 -24.23
N PHE B 36 11.59 5.53 -23.81
CA PHE B 36 10.61 5.13 -22.77
C PHE B 36 9.28 5.79 -23.13
N MET B 37 8.68 6.60 -22.24
CA MET B 37 7.33 7.13 -22.49
C MET B 37 7.41 8.49 -23.15
N GLY B 38 8.61 8.94 -23.54
CA GLY B 38 8.75 10.28 -24.13
C GLY B 38 7.88 10.46 -25.39
N PRO B 39 7.98 9.55 -26.37
CA PRO B 39 7.20 9.69 -27.61
C PRO B 39 5.69 9.76 -27.38
N THR B 40 5.16 8.90 -26.49
CA THR B 40 3.70 8.89 -26.25
C THR B 40 3.30 10.17 -25.54
N LEU B 41 4.08 10.61 -24.56
CA LEU B 41 3.72 11.82 -23.80
C LEU B 41 3.75 13.02 -24.74
N CYS B 42 4.78 13.17 -25.55
CA CYS B 42 4.92 14.36 -26.43
C CYS B 42 3.74 14.38 -27.42
N GLU B 43 3.30 13.21 -27.90
CA GLU B 43 2.28 13.13 -28.97
C GLU B 43 0.92 13.50 -28.37
N VAL B 44 0.58 12.85 -27.26
CA VAL B 44 -0.75 13.02 -26.60
C VAL B 44 -0.81 14.41 -25.94
N PHE B 45 0.27 14.91 -25.32
CA PHE B 45 0.24 16.24 -24.68
C PHE B 45 -0.02 17.32 -25.75
N ALA B 46 0.62 17.20 -26.90
CA ALA B 46 0.39 18.15 -28.01
C ALA B 46 -1.06 18.05 -28.48
N GLU B 47 -1.64 16.84 -28.61
CA GLU B 47 -3.06 16.68 -29.05
C GLU B 47 -3.95 17.47 -28.09
N MET B 48 -3.55 17.51 -26.82
CA MET B 48 -4.37 18.14 -25.75
C MET B 48 -3.97 19.58 -25.50
N GLY B 49 -3.26 20.21 -26.43
CA GLY B 49 -3.12 21.67 -26.42
C GLY B 49 -1.87 22.16 -25.69
N ALA B 50 -1.06 21.26 -25.11
CA ALA B 50 0.22 21.70 -24.49
C ALA B 50 1.15 22.26 -25.57
N GLU B 51 1.99 23.18 -25.13
CA GLU B 51 3.25 23.52 -25.80
C GLU B 51 4.34 22.59 -25.24
N VAL B 52 4.70 21.57 -26.01
CA VAL B 52 5.65 20.52 -25.57
C VAL B 52 7.08 20.92 -25.89
N ILE B 53 7.92 20.96 -24.87
CA ILE B 53 9.39 21.15 -25.04
C ILE B 53 10.00 19.77 -24.89
N ALA B 54 10.46 19.17 -25.98
CA ALA B 54 10.98 17.80 -26.00
C ALA B 54 12.49 17.88 -25.92
N ASP B 55 13.12 17.25 -24.95
CA ASP B 55 14.59 17.17 -24.93
C ASP B 55 15.00 15.71 -25.04
N ASN B 56 15.98 15.39 -25.89
CA ASN B 56 16.39 13.99 -26.24
C ASN B 56 17.62 13.53 -25.47
N ASN B 57 18.24 14.36 -24.63
CA ASN B 57 19.53 14.04 -23.96
C ASN B 57 19.37 12.94 -22.90
N LEU B 58 20.26 11.93 -22.95
CA LEU B 58 20.55 11.12 -21.75
C LEU B 58 21.20 12.05 -20.72
N LEU B 59 20.82 12.01 -19.45
CA LEU B 59 21.22 13.06 -18.50
C LEU B 59 22.30 12.56 -17.53
N THR B 60 23.27 11.80 -18.03
CA THR B 60 24.37 11.32 -17.16
C THR B 60 25.23 12.52 -16.79
N ASP B 61 25.30 13.53 -17.64
CA ASP B 61 26.14 14.73 -17.38
C ASP B 61 25.53 15.56 -16.25
N PRO B 62 26.17 15.72 -15.08
CA PRO B 62 25.58 16.47 -13.97
C PRO B 62 25.23 17.94 -14.26
N ALA B 63 25.86 18.56 -15.27
CA ALA B 63 25.64 19.97 -15.63
C ALA B 63 24.42 20.14 -16.54
N LEU B 64 23.95 19.11 -17.23
CA LEU B 64 23.04 19.23 -18.39
C LEU B 64 21.61 19.57 -17.96
N PRO B 65 21.05 18.96 -16.87
CA PRO B 65 19.67 19.29 -16.49
C PRO B 65 19.45 20.79 -16.27
N ALA B 66 20.33 21.45 -15.52
CA ALA B 66 20.17 22.89 -15.23
C ALA B 66 20.20 23.67 -16.56
N LYS B 67 21.01 23.27 -17.55
CA LYS B 67 21.08 23.98 -18.87
C LYS B 67 19.76 23.80 -19.63
N ILE B 68 19.24 22.57 -19.68
CA ILE B 68 17.95 22.26 -20.38
C ILE B 68 16.82 23.08 -19.76
N ILE B 69 16.75 23.13 -18.44
CA ILE B 69 15.67 23.89 -17.74
C ILE B 69 15.83 25.39 -18.04
N GLN B 70 17.04 25.91 -17.86
CA GLN B 70 17.37 27.34 -18.11
C GLN B 70 16.81 27.73 -19.47
N GLN B 71 17.15 26.96 -20.51
CA GLN B 71 17.00 27.28 -21.94
C GLN B 71 15.52 27.15 -22.32
N ALA B 72 14.73 26.40 -21.54
CA ALA B 72 13.30 26.15 -21.84
C ALA B 72 12.44 27.34 -21.41
N GLY B 73 12.97 28.20 -20.56
CA GLY B 73 12.24 29.37 -20.06
C GLY B 73 11.12 28.96 -19.12
N HIS B 74 9.90 29.40 -19.40
CA HIS B 74 8.73 29.20 -18.52
C HIS B 74 8.30 27.74 -18.64
N ILE B 75 8.30 27.02 -17.51
CA ILE B 75 7.84 25.62 -17.49
C ILE B 75 6.68 25.52 -16.49
N ASP B 76 5.53 25.09 -16.97
CA ASP B 76 4.33 24.83 -16.15
C ASP B 76 4.40 23.42 -15.55
N VAL B 77 4.85 22.49 -16.36
CA VAL B 77 4.88 21.06 -15.98
C VAL B 77 6.21 20.50 -16.43
N LEU B 78 6.90 19.81 -15.53
CA LEU B 78 8.13 19.05 -15.84
C LEU B 78 7.77 17.56 -15.79
N VAL B 79 7.98 16.86 -16.89
CA VAL B 79 7.76 15.40 -16.88
C VAL B 79 9.15 14.75 -16.89
N ILE B 80 9.47 14.11 -15.78
CA ILE B 80 10.77 13.42 -15.59
C ILE B 80 10.62 11.99 -16.12
N ASN B 81 10.91 11.87 -17.41
CA ASN B 81 10.94 10.61 -18.17
C ASN B 81 12.40 10.21 -18.29
N LEU B 82 12.86 9.28 -17.47
CA LEU B 82 14.28 8.87 -17.44
C LEU B 82 14.36 7.35 -17.57
N ALA B 83 15.30 6.84 -18.37
CA ALA B 83 15.43 5.38 -18.59
C ALA B 83 16.74 5.08 -19.30
N ILE B 84 17.29 3.93 -18.95
CA ILE B 84 18.23 3.12 -19.77
C ILE B 84 17.58 1.74 -19.77
N PRO B 85 17.89 0.88 -20.77
CA PRO B 85 17.41 -0.49 -20.76
C PRO B 85 17.77 -1.15 -19.42
N ALA B 86 16.80 -1.80 -18.77
CA ALA B 86 17.01 -2.41 -17.43
C ALA B 86 17.99 -3.57 -17.54
N PRO B 87 19.08 -3.56 -16.75
CA PRO B 87 19.89 -4.77 -16.62
C PRO B 87 19.07 -5.98 -16.18
N PHE B 88 19.47 -7.18 -16.67
CA PHE B 88 18.88 -8.49 -16.35
C PHE B 88 19.86 -9.27 -15.43
N THR B 89 20.90 -8.59 -14.96
CA THR B 89 22.03 -9.24 -14.24
C THR B 89 21.49 -9.91 -12.99
N LYS B 90 21.93 -11.13 -12.72
CA LYS B 90 21.68 -11.83 -11.45
C LYS B 90 22.14 -10.96 -10.28
N GLY B 91 21.32 -10.86 -9.25
CA GLY B 91 21.61 -9.96 -8.12
C GLY B 91 22.98 -10.22 -7.51
N GLU B 92 23.42 -11.49 -7.42
CA GLU B 92 24.77 -11.78 -6.81
C GLU B 92 25.93 -11.42 -7.74
N LEU B 93 25.70 -11.02 -9.00
CA LEU B 93 26.77 -10.72 -9.99
C LEU B 93 26.87 -9.22 -10.30
N VAL B 94 26.06 -8.36 -9.69
CA VAL B 94 26.00 -6.94 -10.08
C VAL B 94 27.31 -6.26 -9.70
N ASP B 95 27.83 -5.40 -10.58
CA ASP B 95 29.10 -4.69 -10.31
C ASP B 95 28.87 -3.18 -10.22
N ASP B 96 29.87 -2.48 -9.70
CA ASP B 96 29.78 -1.01 -9.54
C ASP B 96 29.45 -0.33 -10.86
N SER B 97 29.95 -0.79 -12.00
CA SER B 97 29.69 -0.13 -13.31
C SER B 97 28.19 -0.16 -13.60
N GLU B 98 27.55 -1.29 -13.37
CA GLU B 98 26.09 -1.39 -13.69
C GLU B 98 25.31 -0.48 -12.73
N TRP B 99 25.65 -0.53 -11.45
CA TRP B 99 24.98 0.28 -10.40
C TRP B 99 25.13 1.75 -10.76
N SER B 100 26.35 2.22 -11.08
CA SER B 100 26.54 3.66 -11.36
C SER B 100 25.85 4.04 -12.68
N ALA B 101 25.88 3.22 -13.72
CA ALA B 101 25.26 3.53 -15.04
C ALA B 101 23.75 3.72 -14.84
N THR B 102 23.14 2.86 -14.04
CA THR B 102 21.68 2.86 -13.79
C THR B 102 21.33 4.08 -12.93
N PHE B 103 21.98 4.25 -11.79
CA PHE B 103 21.67 5.40 -10.91
C PHE B 103 22.03 6.73 -11.56
N SER B 104 23.12 6.80 -12.34
CA SER B 104 23.52 8.05 -13.06
C SER B 104 22.45 8.49 -14.03
N ALA B 105 21.76 7.55 -14.66
CA ALA B 105 20.78 7.85 -15.72
C ALA B 105 19.37 8.06 -15.14
N VAL B 106 18.97 7.26 -14.17
CA VAL B 106 17.54 7.17 -13.74
C VAL B 106 17.29 7.98 -12.48
N VAL B 107 18.30 8.13 -11.62
CA VAL B 107 18.10 8.68 -10.26
C VAL B 107 18.77 10.07 -10.17
N ASP B 108 20.07 10.12 -10.43
CA ASP B 108 20.87 11.36 -10.13
C ASP B 108 20.30 12.58 -10.87
N PRO B 109 19.76 12.45 -12.10
CA PRO B 109 19.25 13.62 -12.81
C PRO B 109 18.00 14.24 -12.17
N MET B 110 17.24 13.42 -11.45
CA MET B 110 15.93 13.83 -10.89
C MET B 110 16.06 15.07 -10.01
N PRO B 111 16.87 15.09 -8.93
CA PRO B 111 17.00 16.27 -8.09
C PRO B 111 17.60 17.45 -8.87
N ARG B 112 18.46 17.15 -9.84
CA ARG B 112 19.10 18.22 -10.66
C ARG B 112 18.02 18.95 -11.45
N LEU B 113 17.09 18.21 -12.07
CA LEU B 113 15.93 18.80 -12.78
C LEU B 113 15.02 19.53 -11.82
N CYS B 114 14.76 18.95 -10.64
CA CYS B 114 13.80 19.57 -9.69
C CYS B 114 14.37 20.87 -9.11
N THR B 115 15.62 20.90 -8.70
CA THR B 115 16.24 22.10 -8.09
C THR B 115 16.35 23.18 -9.17
N ALA B 116 16.53 22.85 -10.45
CA ALA B 116 16.57 23.85 -11.53
C ALA B 116 15.18 24.46 -11.77
N VAL B 117 14.10 23.65 -11.75
CA VAL B 117 12.76 24.14 -12.15
C VAL B 117 11.99 24.66 -10.95
N LEU B 118 12.29 24.24 -9.72
CA LEU B 118 11.44 24.61 -8.56
C LEU B 118 11.47 26.12 -8.31
N PRO B 119 12.61 26.84 -8.41
CA PRO B 119 12.59 28.28 -8.11
C PRO B 119 11.44 29.00 -8.83
N GLN B 120 11.24 28.82 -10.15
CA GLN B 120 10.16 29.54 -10.89
C GLN B 120 8.79 29.10 -10.38
N MET B 121 8.61 27.82 -10.04
CA MET B 121 7.30 27.35 -9.55
C MET B 121 7.06 27.91 -8.14
N ILE B 122 8.09 28.00 -7.30
CA ILE B 122 7.91 28.54 -5.93
C ILE B 122 7.58 30.04 -6.07
N GLU B 123 8.25 30.75 -6.98
CA GLU B 123 8.01 32.21 -7.22
C GLU B 123 6.53 32.38 -7.61
N ARG B 124 5.96 31.52 -8.44
CA ARG B 124 4.59 31.78 -8.93
C ARG B 124 3.57 30.99 -8.11
N GLN B 125 4.03 30.22 -7.13
CA GLN B 125 3.18 29.35 -6.27
C GLN B 125 2.34 28.40 -7.15
N GLY B 126 2.97 27.80 -8.15
CA GLY B 126 2.26 26.83 -9.00
C GLY B 126 3.22 26.10 -9.88
N GLY B 127 2.84 24.86 -10.25
CA GLY B 127 3.63 24.06 -11.17
C GLY B 127 3.46 22.58 -10.80
N LYS B 128 3.82 21.74 -11.74
CA LYS B 128 3.73 20.29 -11.57
C LYS B 128 5.03 19.64 -12.01
N ILE B 129 5.31 18.55 -11.33
CA ILE B 129 6.41 17.66 -11.70
C ILE B 129 5.85 16.25 -11.64
N LEU B 130 5.93 15.54 -12.75
CA LEU B 130 5.44 14.15 -12.82
C LEU B 130 6.63 13.28 -13.15
N VAL B 131 6.85 12.24 -12.34
CA VAL B 131 7.93 11.26 -12.60
C VAL B 131 7.30 10.04 -13.28
N MET B 132 7.86 9.67 -14.41
CA MET B 132 7.45 8.45 -15.13
C MET B 132 8.29 7.31 -14.54
N GLY B 133 7.75 6.66 -13.53
CA GLY B 133 8.43 5.64 -12.74
C GLY B 133 7.98 4.24 -13.08
N SER B 134 8.43 3.27 -12.27
CA SER B 134 8.27 1.82 -12.54
C SER B 134 7.59 1.12 -11.37
N ALA B 135 6.62 0.25 -11.67
CA ALA B 135 6.00 -0.64 -10.67
C ALA B 135 7.01 -1.71 -10.21
N SER B 136 8.16 -1.89 -10.86
CA SER B 136 9.26 -2.75 -10.33
C SER B 136 9.72 -2.26 -8.95
N ALA B 137 9.50 -0.99 -8.61
CA ALA B 137 9.87 -0.44 -7.29
C ALA B 137 8.84 -0.84 -6.25
N LEU B 138 7.62 -1.21 -6.68
CA LEU B 138 6.50 -1.50 -5.75
C LEU B 138 6.42 -3.01 -5.52
N ARG B 139 6.60 -3.80 -6.57
CA ARG B 139 6.45 -5.27 -6.48
C ARG B 139 7.75 -5.91 -6.91
N GLY B 140 8.26 -6.83 -6.09
CA GLY B 140 9.55 -7.49 -6.40
C GLY B 140 9.47 -8.46 -7.59
N MET B 141 10.46 -8.41 -8.45
CA MET B 141 10.59 -9.39 -9.54
C MET B 141 12.05 -9.85 -9.60
N LYS B 142 12.26 -11.04 -10.15
CA LYS B 142 13.61 -11.63 -10.32
C LYS B 142 14.36 -10.85 -11.39
N ARG B 143 15.69 -10.79 -11.23
CA ARG B 143 16.65 -10.36 -12.28
C ARG B 143 16.35 -8.92 -12.69
N ALA B 144 16.02 -8.04 -11.74
CA ALA B 144 15.81 -6.61 -12.03
C ALA B 144 16.25 -5.78 -10.82
N SER B 145 17.18 -6.29 -10.01
CA SER B 145 17.49 -5.70 -8.68
C SER B 145 18.05 -4.27 -8.83
N THR B 146 18.99 -4.05 -9.75
CA THR B 146 19.59 -2.70 -9.89
C THR B 146 18.50 -1.70 -10.34
N TYR B 147 17.78 -2.04 -11.40
CA TYR B 147 16.73 -1.15 -11.94
C TYR B 147 15.65 -0.88 -10.88
N SER B 148 15.21 -1.91 -10.18
CA SER B 148 14.15 -1.81 -9.14
C SER B 148 14.61 -0.81 -8.06
N ALA B 149 15.86 -0.91 -7.64
CA ALA B 149 16.44 -0.07 -6.56
C ALA B 149 16.41 1.38 -7.07
N ALA B 150 16.88 1.60 -8.28
CA ALA B 150 16.90 2.95 -8.88
C ALA B 150 15.47 3.50 -8.92
N ARG B 151 14.54 2.66 -9.35
CA ARG B 151 13.16 3.13 -9.51
C ARG B 151 12.56 3.42 -8.14
N GLY B 152 12.95 2.69 -7.09
CA GLY B 152 12.46 2.99 -5.73
C GLY B 152 12.96 4.34 -5.23
N ALA B 153 14.19 4.69 -5.57
CA ALA B 153 14.69 6.05 -5.22
C ALA B 153 13.80 7.11 -5.84
N GLN B 154 13.31 6.89 -7.07
CA GLN B 154 12.42 7.89 -7.71
C GLN B 154 11.11 8.00 -6.89
N LEU B 155 10.46 6.87 -6.58
CA LEU B 155 9.11 6.92 -5.95
C LEU B 155 9.21 7.56 -4.55
N SER B 156 10.26 7.25 -3.79
CA SER B 156 10.40 7.79 -2.42
C SER B 156 10.77 9.29 -2.46
N TYR B 157 11.54 9.69 -3.43
CA TYR B 157 11.83 11.13 -3.69
C TYR B 157 10.51 11.88 -3.94
N VAL B 158 9.66 11.33 -4.80
CA VAL B 158 8.35 11.95 -5.12
C VAL B 158 7.48 12.03 -3.86
N LYS B 159 7.39 10.98 -3.06
CA LYS B 159 6.51 11.00 -1.86
C LYS B 159 6.97 12.10 -0.90
N ALA B 160 8.26 12.25 -0.71
CA ALA B 160 8.85 13.27 0.20
C ALA B 160 8.73 14.67 -0.43
N MET B 161 9.16 14.83 -1.66
CA MET B 161 9.08 16.16 -2.32
C MET B 161 7.62 16.60 -2.46
N GLY B 162 6.70 15.70 -2.80
CA GLY B 162 5.26 16.06 -2.92
C GLY B 162 4.68 16.61 -1.62
N VAL B 163 4.98 16.00 -0.49
CA VAL B 163 4.54 16.53 0.83
C VAL B 163 5.18 17.93 1.03
N GLU B 164 6.46 18.04 0.70
CA GLU B 164 7.24 19.27 0.98
C GLU B 164 6.79 20.46 0.13
N MET B 165 6.53 20.26 -1.17
CA MET B 165 6.22 21.36 -2.10
C MET B 165 4.71 21.65 -2.16
N ALA B 166 3.85 20.79 -1.62
CA ALA B 166 2.38 20.96 -1.68
C ALA B 166 1.97 22.32 -1.12
N PRO B 167 2.55 22.80 0.01
CA PRO B 167 2.14 24.11 0.56
C PRO B 167 2.54 25.30 -0.33
N GLN B 168 3.38 25.07 -1.31
CA GLN B 168 3.84 26.11 -2.25
C GLN B 168 2.95 26.11 -3.49
N GLY B 169 1.87 25.31 -3.52
CA GLY B 169 0.95 25.24 -4.66
C GLY B 169 1.50 24.38 -5.80
N ILE B 170 2.40 23.43 -5.48
CA ILE B 170 3.16 22.63 -6.48
C ILE B 170 2.80 21.16 -6.27
N GLN B 171 2.42 20.51 -7.38
CA GLN B 171 1.99 19.10 -7.30
C GLN B 171 3.08 18.20 -7.87
N ILE B 172 3.65 17.34 -7.04
CA ILE B 172 4.73 16.39 -7.47
C ILE B 172 4.20 14.97 -7.28
N ASN B 173 4.01 14.24 -8.38
CA ASN B 173 3.46 12.87 -8.33
C ASN B 173 4.28 11.93 -9.21
N ALA B 174 3.91 10.65 -9.21
CA ALA B 174 4.58 9.66 -10.07
C ALA B 174 3.55 8.66 -10.58
N ILE B 175 3.82 8.21 -11.79
CA ILE B 175 3.26 6.94 -12.30
C ILE B 175 4.27 5.86 -11.98
N ALA B 176 3.78 4.68 -11.61
CA ALA B 176 4.60 3.48 -11.41
C ALA B 176 4.10 2.41 -12.39
N GLN B 177 4.68 2.36 -13.58
CA GLN B 177 4.11 1.55 -14.67
C GLN B 177 4.81 0.22 -14.83
N ASN B 178 4.07 -0.70 -15.42
CA ASN B 178 4.63 -1.97 -15.96
C ASN B 178 3.58 -2.51 -16.94
N PHE B 179 4.00 -3.43 -17.83
CA PHE B 179 3.10 -4.06 -18.83
C PHE B 179 2.37 -2.97 -19.61
N VAL B 180 3.12 -1.95 -20.01
CA VAL B 180 2.69 -0.96 -21.02
C VAL B 180 3.21 -1.43 -22.37
N ASP B 181 2.49 -1.10 -23.43
CA ASP B 181 2.82 -1.56 -24.82
C ASP B 181 4.03 -0.82 -25.36
N ASN B 182 5.17 -1.07 -24.73
CA ASN B 182 6.43 -0.35 -24.96
C ASN B 182 7.28 -1.25 -25.85
N PRO B 183 7.62 -0.85 -27.08
CA PRO B 183 8.44 -1.71 -27.96
C PRO B 183 9.82 -2.09 -27.40
N THR B 184 10.38 -1.33 -26.46
CA THR B 184 11.68 -1.69 -25.81
C THR B 184 11.58 -3.09 -25.18
N TYR B 185 10.45 -3.43 -24.57
CA TYR B 185 10.28 -4.65 -23.74
C TYR B 185 9.27 -5.62 -24.37
N PHE B 186 8.38 -5.16 -25.22
CA PHE B 186 7.30 -6.00 -25.78
C PHE B 186 7.31 -5.84 -27.29
N PRO B 187 8.37 -6.31 -27.96
CA PRO B 187 8.36 -6.24 -29.42
C PRO B 187 7.25 -7.13 -29.97
N GLU B 188 6.82 -6.83 -31.19
CA GLU B 188 5.70 -7.54 -31.85
C GLU B 188 5.93 -9.05 -31.83
N GLU B 189 7.16 -9.53 -32.06
CA GLU B 189 7.38 -11.00 -32.12
C GLU B 189 7.21 -11.62 -30.73
N THR B 190 7.49 -10.87 -29.69
CA THR B 190 7.16 -11.36 -28.32
C THR B 190 5.65 -11.41 -28.14
N LYS B 191 4.96 -10.33 -28.42
CA LYS B 191 3.50 -10.21 -28.19
C LYS B 191 2.77 -11.32 -28.96
N ALA B 192 3.31 -11.72 -30.12
CA ALA B 192 2.66 -12.69 -31.03
C ALA B 192 2.89 -14.09 -30.52
N ASN B 193 3.80 -14.26 -29.56
CA ASN B 193 4.18 -15.62 -29.10
C ASN B 193 3.16 -16.13 -28.10
N PRO B 194 2.61 -17.36 -28.30
CA PRO B 194 1.53 -17.84 -27.43
C PRO B 194 1.98 -18.09 -25.99
N LYS B 195 3.24 -18.47 -25.77
CA LYS B 195 3.81 -18.64 -24.43
C LYS B 195 3.81 -17.27 -23.75
N PHE B 196 4.19 -16.23 -24.48
CA PHE B 196 4.13 -14.84 -23.92
C PHE B 196 2.68 -14.53 -23.51
N GLN B 197 1.71 -14.78 -24.40
CA GLN B 197 0.29 -14.43 -24.17
C GLN B 197 -0.21 -15.22 -22.95
N GLU B 198 0.21 -16.47 -22.78
CA GLU B 198 -0.23 -17.26 -21.61
C GLU B 198 0.31 -16.63 -20.32
N ARG B 199 1.59 -16.29 -20.30
CA ARG B 199 2.22 -15.65 -19.13
C ARG B 199 1.51 -14.33 -18.80
N LEU B 200 1.25 -13.53 -19.83
CA LEU B 200 0.66 -12.20 -19.67
C LEU B 200 -0.69 -12.35 -19.00
N LYS B 201 -1.52 -13.25 -19.53
CA LYS B 201 -2.89 -13.45 -19.00
C LYS B 201 -2.84 -13.94 -17.55
N ARG B 202 -1.87 -14.77 -17.19
CA ARG B 202 -1.65 -15.26 -15.81
C ARG B 202 -1.25 -14.11 -14.88
N ASP B 203 -0.33 -13.26 -15.31
CA ASP B 203 0.40 -12.29 -14.45
C ASP B 203 -0.30 -10.93 -14.41
N VAL B 204 -1.10 -10.60 -15.42
CA VAL B 204 -1.66 -9.24 -15.55
C VAL B 204 -3.17 -9.38 -15.61
N PRO B 205 -3.89 -9.04 -14.53
CA PRO B 205 -5.33 -9.17 -14.54
C PRO B 205 -6.00 -8.59 -15.78
N LEU B 206 -5.54 -7.42 -16.25
CA LEU B 206 -6.13 -6.70 -17.40
C LEU B 206 -6.17 -7.64 -18.63
N GLY B 207 -5.22 -8.57 -18.72
CA GLY B 207 -5.22 -9.60 -19.79
C GLY B 207 -4.64 -9.07 -21.10
N ARG B 208 -4.05 -7.90 -21.09
CA ARG B 208 -3.43 -7.24 -22.24
C ARG B 208 -2.52 -6.14 -21.71
N LEU B 209 -1.62 -5.65 -22.55
CA LEU B 209 -0.76 -4.49 -22.19
C LEU B 209 -1.63 -3.25 -22.10
N VAL B 210 -1.27 -2.38 -21.18
CA VAL B 210 -1.79 -0.98 -21.16
C VAL B 210 -1.27 -0.31 -22.42
N SER B 211 -2.12 0.39 -23.16
CA SER B 211 -1.69 1.04 -24.40
C SER B 211 -0.82 2.25 -24.07
N LEU B 212 0.03 2.64 -25.01
CA LEU B 212 0.86 3.87 -24.89
C LEU B 212 -0.09 5.05 -24.72
N ARG B 213 -1.20 5.06 -25.44
CA ARG B 213 -2.18 6.16 -25.36
C ARG B 213 -2.81 6.17 -23.96
N GLU B 214 -3.23 5.02 -23.44
CA GLU B 214 -3.84 4.94 -22.08
C GLU B 214 -2.88 5.53 -21.04
N ASP B 215 -1.62 5.17 -21.11
CA ASP B 215 -0.57 5.63 -20.17
C ASP B 215 -0.45 7.15 -20.30
N ALA B 216 -0.36 7.68 -21.52
CA ALA B 216 -0.16 9.14 -21.72
C ALA B 216 -1.41 9.92 -21.35
N LEU B 217 -2.60 9.38 -21.59
CA LEU B 217 -3.86 10.08 -21.22
C LEU B 217 -3.92 10.20 -19.67
N PHE B 218 -3.50 9.16 -18.95
CA PHE B 218 -3.50 9.22 -17.46
C PHE B 218 -2.50 10.30 -17.01
N ALA B 219 -1.31 10.28 -17.58
CA ALA B 219 -0.27 11.30 -17.37
C ALA B 219 -0.87 12.68 -17.66
N ALA B 220 -1.63 12.80 -18.74
CA ALA B 220 -2.20 14.10 -19.15
C ALA B 220 -3.21 14.54 -18.08
N TYR B 221 -4.02 13.61 -17.54
CA TYR B 221 -4.96 13.94 -16.45
C TYR B 221 -4.14 14.49 -15.29
N LEU B 222 -3.05 13.82 -14.91
CA LEU B 222 -2.29 14.24 -13.71
C LEU B 222 -1.60 15.59 -13.96
N CYS B 223 -1.42 16.01 -15.21
CA CYS B 223 -0.77 17.30 -15.57
C CYS B 223 -1.83 18.38 -15.75
N SER B 224 -3.10 18.07 -15.51
CA SER B 224 -4.26 18.96 -15.76
C SER B 224 -4.68 19.63 -14.46
N ASP B 225 -5.41 20.74 -14.58
CA ASP B 225 -5.90 21.49 -13.41
C ASP B 225 -6.79 20.58 -12.55
N ALA B 226 -7.48 19.64 -13.14
CA ALA B 226 -8.36 18.73 -12.37
C ALA B 226 -7.55 17.95 -11.30
N ALA B 227 -6.25 17.71 -11.53
CA ALA B 227 -5.41 16.85 -10.66
C ALA B 227 -4.68 17.71 -9.61
N ASP B 228 -5.04 18.99 -9.42
CA ASP B 228 -4.35 19.83 -8.41
C ASP B 228 -4.50 19.24 -7.01
N CYS B 229 -5.47 18.38 -6.78
CA CYS B 229 -5.74 17.75 -5.48
C CYS B 229 -4.74 16.63 -5.17
N PHE B 230 -3.98 16.17 -6.16
CA PHE B 230 -3.00 15.07 -5.95
C PHE B 230 -1.62 15.64 -5.69
N VAL B 231 -1.09 15.30 -4.51
CA VAL B 231 0.28 15.68 -4.08
C VAL B 231 1.02 14.47 -3.48
N GLY B 232 2.25 14.23 -3.95
CA GLY B 232 3.15 13.19 -3.42
C GLY B 232 2.57 11.80 -3.64
N GLN B 233 1.77 11.60 -4.69
CA GLN B 233 1.05 10.32 -4.81
C GLN B 233 1.68 9.50 -5.93
N VAL B 234 1.77 8.19 -5.69
CA VAL B 234 2.26 7.22 -6.70
C VAL B 234 1.04 6.50 -7.26
N PHE B 235 0.92 6.51 -8.57
CA PHE B 235 -0.21 5.85 -9.26
C PHE B 235 0.32 4.65 -10.01
N PRO B 236 0.06 3.44 -9.53
CA PRO B 236 0.39 2.26 -10.32
C PRO B 236 -0.41 2.24 -11.63
N VAL B 237 0.30 1.94 -12.73
CA VAL B 237 -0.34 1.73 -14.05
C VAL B 237 0.25 0.46 -14.59
N SER B 238 -0.36 -0.67 -14.28
CA SER B 238 0.25 -1.97 -14.66
C SER B 238 -0.82 -3.02 -14.91
N GLY B 239 -2.04 -2.58 -15.17
CA GLY B 239 -3.10 -3.55 -15.54
C GLY B 239 -3.41 -4.50 -14.37
N GLY B 240 -3.13 -4.08 -13.16
CA GLY B 240 -3.46 -4.86 -11.96
C GLY B 240 -2.29 -5.73 -11.49
N TRP B 241 -1.18 -5.73 -12.22
CA TRP B 241 0.04 -6.47 -11.81
C TRP B 241 0.52 -5.93 -10.46
N ALA B 242 0.45 -4.62 -10.32
CA ALA B 242 0.61 -3.95 -9.01
C ALA B 242 -0.44 -2.84 -8.98
N VAL B 243 -1.12 -2.74 -7.86
CA VAL B 243 -2.15 -1.70 -7.64
C VAL B 243 -1.80 -0.98 -6.35
N HIS C 5 -8.41 -45.99 9.74
CA HIS C 5 -8.57 -45.15 8.54
C HIS C 5 -9.90 -45.57 7.86
N HIS C 6 -9.87 -46.66 7.09
CA HIS C 6 -11.05 -47.18 6.34
C HIS C 6 -12.18 -47.61 7.28
N HIS C 7 -11.84 -48.21 8.42
CA HIS C 7 -12.79 -48.78 9.41
C HIS C 7 -12.50 -48.13 10.78
N SER C 8 -11.22 -47.85 11.06
CA SER C 8 -10.64 -46.79 11.91
C SER C 8 -9.37 -47.30 12.64
N ASN C 20 10.76 -22.22 27.47
CA ASN C 20 10.05 -21.18 26.66
C ASN C 20 9.07 -20.41 27.56
N SER C 21 9.36 -19.14 27.82
CA SER C 21 8.59 -18.27 28.75
C SER C 21 8.15 -16.97 28.05
N GLN C 22 8.19 -16.91 26.72
CA GLN C 22 7.83 -15.71 25.92
C GLN C 22 6.42 -15.20 26.31
N LEU C 23 5.48 -16.10 26.59
CA LEU C 23 4.09 -15.70 26.92
C LEU C 23 3.73 -16.12 28.35
N ALA C 24 4.72 -16.44 29.19
CA ALA C 24 4.54 -16.86 30.61
C ALA C 24 3.58 -15.91 31.33
N GLY C 25 2.56 -16.45 31.99
CA GLY C 25 1.69 -15.69 32.90
C GLY C 25 0.69 -14.82 32.17
N LYS C 26 0.47 -15.11 30.88
CA LYS C 26 -0.59 -14.46 30.04
C LYS C 26 -1.73 -15.44 29.86
N ARG C 27 -2.95 -14.96 30.08
CA ARG C 27 -4.17 -15.73 29.77
C ARG C 27 -4.58 -15.32 28.34
N ILE C 28 -4.60 -16.27 27.42
CA ILE C 28 -4.89 -15.99 25.98
C ILE C 28 -6.12 -16.77 25.60
N LEU C 29 -7.18 -16.06 25.24
CA LEU C 29 -8.40 -16.70 24.69
C LEU C 29 -8.27 -16.80 23.16
N VAL C 30 -8.40 -18.02 22.65
CA VAL C 30 -8.39 -18.33 21.19
C VAL C 30 -9.78 -18.78 20.79
N THR C 31 -10.43 -18.03 19.89
CA THR C 31 -11.75 -18.38 19.32
C THR C 31 -11.60 -19.47 18.28
N GLN C 32 -12.71 -20.15 17.99
CA GLN C 32 -12.77 -21.31 17.06
C GLN C 32 -11.47 -22.09 17.18
N ALA C 33 -11.09 -22.42 18.40
CA ALA C 33 -9.77 -23.01 18.75
C ALA C 33 -9.56 -24.34 18.03
N ASP C 34 -10.63 -24.96 17.51
CA ASP C 34 -10.53 -26.27 16.81
C ASP C 34 -10.41 -26.07 15.29
N THR C 35 -10.36 -24.85 14.94
CA THR C 35 -10.54 -24.64 13.47
C THR C 35 -9.49 -23.71 12.87
N PHE C 36 -9.04 -23.64 11.53
CA PHE C 36 -8.15 -22.67 10.85
C PHE C 36 -6.83 -22.74 11.64
N MET C 37 -6.38 -21.64 12.22
CA MET C 37 -5.09 -21.57 12.92
C MET C 37 -5.23 -21.96 14.40
N GLY C 38 -6.47 -22.18 14.88
CA GLY C 38 -6.77 -22.50 16.29
C GLY C 38 -5.84 -23.57 16.87
N PRO C 39 -5.82 -24.80 16.30
CA PRO C 39 -5.03 -25.87 16.91
C PRO C 39 -3.56 -25.49 17.11
N THR C 40 -2.89 -25.00 16.05
CA THR C 40 -1.45 -24.66 16.09
C THR C 40 -1.23 -23.49 17.04
N LEU C 41 -2.10 -22.47 17.02
CA LEU C 41 -1.96 -21.34 17.96
C LEU C 41 -2.00 -21.86 19.40
N CYS C 42 -2.93 -22.78 19.69
CA CYS C 42 -3.15 -23.27 21.08
C CYS C 42 -1.89 -24.01 21.51
N GLU C 43 -1.42 -24.95 20.69
CA GLU C 43 -0.16 -25.73 20.88
C GLU C 43 1.01 -24.77 21.14
N VAL C 44 1.27 -23.83 20.22
CA VAL C 44 2.49 -22.96 20.30
C VAL C 44 2.38 -22.02 21.51
N PHE C 45 1.21 -21.42 21.73
CA PHE C 45 1.04 -20.45 22.84
C PHE C 45 1.34 -21.17 24.18
N ALA C 46 0.85 -22.41 24.32
CA ALA C 46 1.02 -23.27 25.51
C ALA C 46 2.51 -23.61 25.65
N GLU C 47 3.19 -23.93 24.55
CA GLU C 47 4.65 -24.19 24.51
C GLU C 47 5.41 -22.99 25.09
N MET C 48 4.89 -21.78 24.95
CA MET C 48 5.62 -20.56 25.36
C MET C 48 5.10 -20.04 26.69
N GLY C 49 4.29 -20.83 27.40
CA GLY C 49 3.99 -20.55 28.82
C GLY C 49 2.66 -19.88 29.03
N ALA C 50 1.90 -19.63 27.95
CA ALA C 50 0.57 -18.99 28.08
C ALA C 50 -0.39 -19.98 28.76
N GLU C 51 -1.35 -19.44 29.53
CA GLU C 51 -2.57 -20.15 29.95
C GLU C 51 -3.60 -19.92 28.83
N VAL C 52 -3.87 -20.96 28.05
CA VAL C 52 -4.69 -20.87 26.82
C VAL C 52 -6.13 -21.19 27.18
N ILE C 53 -7.05 -20.28 26.88
CA ILE C 53 -8.51 -20.55 26.92
C ILE C 53 -8.94 -20.87 25.49
N ALA C 54 -9.20 -22.15 25.23
CA ALA C 54 -9.58 -22.62 23.87
C ALA C 54 -11.10 -22.68 23.80
N ASP C 55 -11.74 -21.76 23.07
CA ASP C 55 -13.20 -21.80 22.82
C ASP C 55 -13.45 -22.32 21.40
N ASN C 56 -14.32 -23.32 21.27
CA ASN C 56 -14.55 -24.07 20.02
C ASN C 56 -15.79 -23.60 19.27
N ASN C 57 -16.57 -22.67 19.81
CA ASN C 57 -17.88 -22.27 19.23
C ASN C 57 -17.72 -21.52 17.90
N LEU C 58 -18.48 -21.89 16.88
CA LEU C 58 -18.84 -20.95 15.78
C LEU C 58 -19.63 -19.81 16.45
N LEU C 59 -19.36 -18.57 16.05
CA LEU C 59 -19.91 -17.39 16.77
C LEU C 59 -20.95 -16.67 15.91
N THR C 60 -21.81 -17.42 15.20
CA THR C 60 -22.96 -16.85 14.46
C THR C 60 -23.97 -16.29 15.47
N ASP C 61 -24.12 -16.89 16.64
CA ASP C 61 -25.07 -16.36 17.66
C ASP C 61 -24.55 -15.05 18.24
N PRO C 62 -25.29 -13.93 18.09
CA PRO C 62 -24.85 -12.64 18.60
C PRO C 62 -24.55 -12.55 20.11
N ALA C 63 -25.20 -13.39 20.94
CA ALA C 63 -25.10 -13.33 22.42
C ALA C 63 -23.84 -14.06 22.89
N LEU C 64 -23.28 -14.91 22.03
CA LEU C 64 -22.28 -15.91 22.49
C LEU C 64 -20.93 -15.22 22.79
N PRO C 65 -20.38 -14.27 21.98
CA PRO C 65 -19.10 -13.64 22.37
C PRO C 65 -19.03 -13.02 23.76
N ALA C 66 -20.04 -12.27 24.18
CA ALA C 66 -20.09 -11.69 25.56
C ALA C 66 -20.06 -12.82 26.61
N LYS C 67 -20.83 -13.89 26.38
CA LYS C 67 -20.89 -15.04 27.35
C LYS C 67 -19.48 -15.62 27.48
N ILE C 68 -18.83 -15.91 26.36
CA ILE C 68 -17.50 -16.58 26.33
C ILE C 68 -16.50 -15.69 27.07
N ILE C 69 -16.51 -14.39 26.78
CA ILE C 69 -15.54 -13.46 27.41
C ILE C 69 -15.86 -13.36 28.91
N GLN C 70 -17.14 -13.19 29.27
CA GLN C 70 -17.55 -13.11 30.70
C GLN C 70 -16.99 -14.33 31.44
N GLN C 71 -17.23 -15.54 30.92
CA GLN C 71 -16.93 -16.83 31.58
C GLN C 71 -15.42 -17.02 31.71
N ALA C 72 -14.62 -16.46 30.80
CA ALA C 72 -13.15 -16.65 30.80
C ALA C 72 -12.48 -15.81 31.90
N GLY C 73 -13.13 -14.77 32.39
CA GLY C 73 -12.54 -13.88 33.41
C GLY C 73 -11.40 -13.04 32.85
N HIS C 74 -10.24 -13.03 33.52
CA HIS C 74 -9.08 -12.18 33.16
C HIS C 74 -8.50 -12.65 31.81
N ILE C 75 -8.54 -11.78 30.79
CA ILE C 75 -7.91 -12.06 29.46
C ILE C 75 -6.84 -11.00 29.20
N ASP C 76 -5.59 -11.43 29.07
CA ASP C 76 -4.44 -10.60 28.66
C ASP C 76 -4.44 -10.43 27.13
N VAL C 77 -4.78 -11.47 26.39
CA VAL C 77 -4.70 -11.45 24.88
C VAL C 77 -5.92 -12.16 24.34
N LEU C 78 -6.67 -11.49 23.45
CA LEU C 78 -7.75 -12.14 22.70
C LEU C 78 -7.25 -12.38 21.27
N VAL C 79 -7.29 -13.62 20.82
CA VAL C 79 -6.93 -13.98 19.44
C VAL C 79 -8.22 -14.29 18.73
N ILE C 80 -8.57 -13.43 17.78
CA ILE C 80 -9.84 -13.54 17.03
C ILE C 80 -9.53 -14.36 15.80
N ASN C 81 -9.75 -15.66 15.93
CA ASN C 81 -9.61 -16.69 14.91
C ASN C 81 -11.02 -17.05 14.47
N LEU C 82 -11.45 -16.53 13.33
CA LEU C 82 -12.83 -16.75 12.81
C LEU C 82 -12.71 -17.29 11.40
N ALA C 83 -13.47 -18.32 11.07
CA ALA C 83 -13.36 -18.95 9.75
C ALA C 83 -14.57 -19.81 9.48
N ILE C 84 -14.95 -19.85 8.22
CA ILE C 84 -15.75 -20.93 7.62
C ILE C 84 -15.03 -21.28 6.33
N PRO C 85 -15.31 -22.44 5.70
CA PRO C 85 -14.70 -22.76 4.42
C PRO C 85 -15.05 -21.63 3.43
N ALA C 86 -14.06 -21.11 2.73
CA ALA C 86 -14.27 -19.94 1.85
C ALA C 86 -15.16 -20.32 0.68
N PRO C 87 -16.23 -19.56 0.42
CA PRO C 87 -17.00 -19.75 -0.81
C PRO C 87 -16.09 -19.48 -2.00
N PHE C 88 -16.34 -20.16 -3.12
CA PHE C 88 -15.58 -19.90 -4.37
C PHE C 88 -16.57 -19.61 -5.49
N THR C 89 -17.78 -19.19 -5.13
CA THR C 89 -18.84 -18.76 -6.07
C THR C 89 -18.29 -17.65 -6.98
N LYS C 90 -18.58 -17.74 -8.27
CA LYS C 90 -18.37 -16.66 -9.24
C LYS C 90 -19.04 -15.41 -8.73
N GLY C 91 -18.35 -14.29 -8.89
CA GLY C 91 -18.82 -13.01 -8.38
C GLY C 91 -20.23 -12.65 -8.81
N GLU C 92 -20.59 -12.90 -10.07
CA GLU C 92 -21.92 -12.53 -10.61
C GLU C 92 -23.03 -13.44 -10.07
N LEU C 93 -22.73 -14.55 -9.40
CA LEU C 93 -23.74 -15.54 -8.94
C LEU C 93 -23.91 -15.54 -7.43
N VAL C 94 -23.25 -14.65 -6.70
CA VAL C 94 -23.32 -14.63 -5.22
C VAL C 94 -24.73 -14.20 -4.80
N ASP C 95 -25.29 -14.87 -3.78
CA ASP C 95 -26.62 -14.54 -3.23
C ASP C 95 -26.50 -14.13 -1.77
N ASP C 96 -27.60 -13.62 -1.24
CA ASP C 96 -27.70 -13.10 0.13
C ASP C 96 -27.31 -14.19 1.13
N SER C 97 -27.63 -15.46 0.88
CA SER C 97 -27.33 -16.52 1.87
C SER C 97 -25.82 -16.65 2.06
N GLU C 98 -25.08 -16.64 0.95
CA GLU C 98 -23.60 -16.71 1.00
C GLU C 98 -23.04 -15.49 1.73
N TRP C 99 -23.52 -14.32 1.33
CA TRP C 99 -22.99 -13.06 1.92
C TRP C 99 -23.24 -13.08 3.42
N SER C 100 -24.47 -13.42 3.81
CA SER C 100 -24.87 -13.40 5.24
C SER C 100 -24.08 -14.46 6.01
N ALA C 101 -23.90 -15.66 5.47
CA ALA C 101 -23.23 -16.75 6.21
C ALA C 101 -21.77 -16.36 6.48
N THR C 102 -21.13 -15.75 5.48
CA THR C 102 -19.70 -15.41 5.57
C THR C 102 -19.49 -14.25 6.52
N PHE C 103 -20.27 -13.19 6.39
CA PHE C 103 -20.13 -12.01 7.28
C PHE C 103 -20.57 -12.36 8.71
N SER C 104 -21.61 -13.19 8.84
CA SER C 104 -22.09 -13.59 10.19
C SER C 104 -21.00 -14.32 10.95
N ALA C 105 -20.21 -15.13 10.27
CA ALA C 105 -19.16 -15.96 10.90
C ALA C 105 -17.85 -15.20 11.12
N VAL C 106 -17.42 -14.44 10.11
CA VAL C 106 -16.04 -13.91 10.03
C VAL C 106 -15.98 -12.46 10.49
N VAL C 107 -17.05 -11.68 10.33
CA VAL C 107 -17.03 -10.21 10.55
C VAL C 107 -17.83 -9.87 11.81
N ASP C 108 -19.12 -10.21 11.82
CA ASP C 108 -20.05 -9.70 12.86
C ASP C 108 -19.54 -10.06 14.25
N PRO C 109 -18.87 -11.21 14.50
CA PRO C 109 -18.46 -11.57 15.86
C PRO C 109 -17.32 -10.71 16.41
N MET C 110 -16.61 -10.07 15.48
CA MET C 110 -15.32 -9.42 15.82
C MET C 110 -15.57 -8.24 16.77
N PRO C 111 -16.48 -7.29 16.46
CA PRO C 111 -16.74 -6.20 17.38
C PRO C 111 -17.42 -6.70 18.67
N ARG C 112 -18.21 -7.75 18.56
CA ARG C 112 -18.90 -8.29 19.78
C ARG C 112 -17.84 -8.81 20.74
N LEU C 113 -16.81 -9.49 20.24
CA LEU C 113 -15.69 -9.97 21.09
C LEU C 113 -14.89 -8.77 21.64
N CYS C 114 -14.61 -7.77 20.79
CA CYS C 114 -13.75 -6.63 21.21
C CYS C 114 -14.51 -5.79 22.25
N THR C 115 -15.78 -5.49 22.03
CA THR C 115 -16.54 -4.64 22.99
C THR C 115 -16.72 -5.40 24.31
N ALA C 116 -16.79 -6.74 24.27
CA ALA C 116 -16.83 -7.51 25.52
C ALA C 116 -15.49 -7.44 26.26
N VAL C 117 -14.33 -7.51 25.59
CA VAL C 117 -13.04 -7.68 26.31
C VAL C 117 -12.41 -6.31 26.62
N LEU C 118 -12.74 -5.24 25.89
CA LEU C 118 -11.97 -3.96 26.01
C LEU C 118 -12.15 -3.32 27.38
N PRO C 119 -13.35 -3.34 28.02
CA PRO C 119 -13.50 -2.67 29.31
C PRO C 119 -12.42 -3.11 30.32
N GLN C 120 -12.18 -4.41 30.51
CA GLN C 120 -11.13 -4.90 31.44
C GLN C 120 -9.75 -4.38 30.99
N MET C 121 -9.49 -4.32 29.68
CA MET C 121 -8.16 -3.87 29.18
C MET C 121 -8.02 -2.37 29.38
N ILE C 122 -9.09 -1.60 29.15
CA ILE C 122 -9.07 -0.13 29.36
C ILE C 122 -8.84 0.11 30.86
N GLU C 123 -9.55 -0.64 31.70
CA GLU C 123 -9.47 -0.52 33.19
C GLU C 123 -8.00 -0.67 33.59
N ARG C 124 -7.33 -1.76 33.14
CA ARG C 124 -5.91 -2.11 33.41
C ARG C 124 -4.90 -1.25 32.60
N GLN C 125 -5.33 -0.58 31.53
CA GLN C 125 -4.42 0.12 30.57
C GLN C 125 -3.42 -0.89 29.99
N GLY C 126 -3.91 -2.07 29.60
CA GLY C 126 -3.08 -3.12 29.00
C GLY C 126 -3.90 -4.23 28.42
N GLY C 127 -3.38 -4.85 27.37
CA GLY C 127 -4.10 -5.92 26.68
C GLY C 127 -3.78 -5.91 25.20
N LYS C 128 -4.06 -7.05 24.57
CA LYS C 128 -3.77 -7.26 23.13
C LYS C 128 -4.95 -7.94 22.48
N ILE C 129 -5.24 -7.54 21.25
CA ILE C 129 -6.23 -8.22 20.40
C ILE C 129 -5.51 -8.47 19.07
N LEU C 130 -5.43 -9.72 18.67
CA LEU C 130 -4.80 -10.15 17.41
C LEU C 130 -5.85 -10.85 16.55
N VAL C 131 -6.09 -10.31 15.36
CA VAL C 131 -7.03 -10.90 14.39
C VAL C 131 -6.23 -11.79 13.44
N MET C 132 -6.67 -13.03 13.28
CA MET C 132 -6.10 -13.98 12.31
C MET C 132 -6.86 -13.78 11.00
N GLY C 133 -6.35 -12.84 10.20
CA GLY C 133 -6.97 -12.43 8.95
C GLY C 133 -6.32 -13.03 7.73
N SER C 134 -6.74 -12.54 6.58
CA SER C 134 -6.40 -13.11 5.27
C SER C 134 -5.77 -12.07 4.33
N ALA C 135 -4.70 -12.45 3.66
CA ALA C 135 -4.08 -11.65 2.57
C ALA C 135 -5.02 -11.57 1.37
N SER C 136 -6.12 -12.35 1.30
CA SER C 136 -7.12 -12.16 0.21
C SER C 136 -7.71 -10.76 0.30
N ALA C 137 -7.65 -10.12 1.47
CA ALA C 137 -8.18 -8.76 1.68
C ALA C 137 -7.19 -7.71 1.12
N LEU C 138 -5.92 -8.09 0.91
CA LEU C 138 -4.83 -7.18 0.46
C LEU C 138 -4.64 -7.30 -1.05
N ARG C 139 -4.68 -8.51 -1.59
CA ARG C 139 -4.40 -8.75 -3.03
C ARG C 139 -5.61 -9.47 -3.63
N GLY C 140 -6.13 -8.95 -4.72
CA GLY C 140 -7.29 -9.55 -5.41
C GLY C 140 -6.98 -10.91 -6.00
N MET C 141 -7.89 -11.84 -5.79
CA MET C 141 -7.87 -13.15 -6.46
C MET C 141 -9.26 -13.50 -7.00
N LYS C 142 -9.28 -14.31 -8.03
CA LYS C 142 -10.52 -14.78 -8.69
C LYS C 142 -11.29 -15.66 -7.74
N ARG C 143 -12.61 -15.69 -7.86
CA ARG C 143 -13.47 -16.68 -7.16
C ARG C 143 -13.25 -16.63 -5.64
N ALA C 144 -13.12 -15.43 -5.06
CA ALA C 144 -13.00 -15.28 -3.61
C ALA C 144 -13.61 -13.93 -3.20
N SER C 145 -14.65 -13.48 -3.89
CA SER C 145 -15.16 -12.09 -3.71
C SER C 145 -15.78 -11.92 -2.32
N THR C 146 -16.68 -12.84 -1.95
CA THR C 146 -17.39 -12.70 -0.66
C THR C 146 -16.35 -12.79 0.45
N TYR C 147 -15.47 -13.79 0.37
CA TYR C 147 -14.55 -14.09 1.48
C TYR C 147 -13.57 -12.92 1.64
N SER C 148 -13.12 -12.38 0.50
CA SER C 148 -12.17 -11.25 0.49
C SER C 148 -12.80 -10.00 1.14
N ALA C 149 -14.06 -9.73 0.83
CA ALA C 149 -14.81 -8.55 1.32
C ALA C 149 -14.90 -8.66 2.83
N ALA C 150 -15.26 -9.84 3.31
CA ALA C 150 -15.35 -10.11 4.77
C ALA C 150 -13.99 -9.88 5.42
N ARG C 151 -12.93 -10.42 4.83
CA ARG C 151 -11.57 -10.32 5.41
C ARG C 151 -11.12 -8.87 5.38
N GLY C 152 -11.58 -8.10 4.39
CA GLY C 152 -11.23 -6.67 4.33
C GLY C 152 -11.88 -5.90 5.46
N ALA C 153 -13.11 -6.25 5.83
CA ALA C 153 -13.78 -5.64 7.00
C ALA C 153 -12.89 -5.85 8.23
N GLN C 154 -12.30 -7.06 8.37
CA GLN C 154 -11.46 -7.37 9.55
C GLN C 154 -10.24 -6.48 9.56
N LEU C 155 -9.58 -6.31 8.40
CA LEU C 155 -8.29 -5.61 8.44
C LEU C 155 -8.54 -4.10 8.69
N SER C 156 -9.60 -3.52 8.10
CA SER C 156 -9.86 -2.07 8.27
C SER C 156 -10.33 -1.78 9.70
N TYR C 157 -11.08 -2.71 10.31
CA TYR C 157 -11.49 -2.66 11.74
C TYR C 157 -10.23 -2.57 12.60
N VAL C 158 -9.27 -3.45 12.36
CA VAL C 158 -8.01 -3.48 13.13
C VAL C 158 -7.27 -2.16 12.98
N LYS C 159 -7.17 -1.62 11.77
CA LYS C 159 -6.34 -0.40 11.57
C LYS C 159 -6.95 0.75 12.37
N ALA C 160 -8.26 0.84 12.38
CA ALA C 160 -9.02 1.94 13.04
C ALA C 160 -8.96 1.71 14.55
N MET C 161 -9.30 0.51 14.98
CA MET C 161 -9.31 0.19 16.44
C MET C 161 -7.90 0.31 17.02
N GLY C 162 -6.86 -0.10 16.28
CA GLY C 162 -5.48 -0.03 16.77
C GLY C 162 -5.07 1.39 17.03
N VAL C 163 -5.39 2.31 16.12
CA VAL C 163 -5.10 3.75 16.34
C VAL C 163 -5.89 4.21 17.57
N GLU C 164 -7.14 3.83 17.64
CA GLU C 164 -8.06 4.31 18.71
C GLU C 164 -7.63 3.83 20.09
N MET C 165 -7.26 2.56 20.23
CA MET C 165 -7.01 1.97 21.56
C MET C 165 -5.54 2.05 21.98
N ALA C 166 -4.62 2.42 21.09
CA ALA C 166 -3.16 2.54 21.44
C ALA C 166 -2.94 3.46 22.66
N PRO C 167 -3.56 4.66 22.73
CA PRO C 167 -3.36 5.57 23.86
C PRO C 167 -3.80 4.95 25.19
N GLN C 168 -4.64 3.92 25.17
CA GLN C 168 -5.12 3.19 26.39
C GLN C 168 -4.15 2.06 26.74
N GLY C 169 -3.00 1.97 26.06
CA GLY C 169 -1.97 0.94 26.28
C GLY C 169 -2.38 -0.43 25.77
N ILE C 170 -3.25 -0.48 24.73
CA ILE C 170 -3.80 -1.74 24.16
C ILE C 170 -3.29 -1.85 22.72
N GLN C 171 -2.78 -3.02 22.36
CA GLN C 171 -2.23 -3.26 21.01
C GLN C 171 -3.22 -4.15 20.25
N ILE C 172 -3.79 -3.61 19.17
CA ILE C 172 -4.70 -4.37 18.29
C ILE C 172 -3.99 -4.44 16.93
N ASN C 173 -3.74 -5.66 16.47
CA ASN C 173 -3.02 -5.93 15.20
C ASN C 173 -3.67 -7.09 14.46
N ALA C 174 -3.22 -7.32 13.22
CA ALA C 174 -3.69 -8.45 12.40
C ALA C 174 -2.53 -9.13 11.68
N ILE C 175 -2.66 -10.44 11.51
CA ILE C 175 -1.94 -11.22 10.48
C ILE C 175 -2.87 -11.28 9.27
N ALA C 176 -2.32 -11.17 8.06
CA ALA C 176 -3.08 -11.37 6.83
C ALA C 176 -2.39 -12.51 6.09
N GLN C 177 -2.87 -13.73 6.28
CA GLN C 177 -2.13 -14.90 5.75
C GLN C 177 -2.71 -15.40 4.42
N ASN C 178 -1.87 -16.11 3.69
CA ASN C 178 -2.29 -16.97 2.59
C ASN C 178 -1.15 -17.96 2.39
N PHE C 179 -1.41 -19.02 1.64
CA PHE C 179 -0.36 -20.02 1.30
C PHE C 179 0.31 -20.51 2.58
N VAL C 180 -0.53 -20.79 3.56
CA VAL C 180 -0.12 -21.44 4.85
C VAL C 180 -0.53 -22.91 4.72
N ASP C 181 0.32 -23.80 5.24
CA ASP C 181 0.20 -25.29 5.10
C ASP C 181 -1.00 -25.80 5.89
N ASN C 182 -2.19 -25.35 5.51
CA ASN C 182 -3.51 -25.68 6.09
C ASN C 182 -4.08 -26.83 5.26
N PRO C 183 -4.23 -28.04 5.83
CA PRO C 183 -4.67 -29.21 5.05
C PRO C 183 -6.09 -29.08 4.49
N THR C 184 -6.93 -28.25 5.09
CA THR C 184 -8.27 -27.85 4.53
C THR C 184 -8.12 -27.41 3.06
N TYR C 185 -7.13 -26.58 2.77
CA TYR C 185 -6.96 -25.92 1.46
C TYR C 185 -5.85 -26.59 0.65
N PHE C 186 -4.84 -27.17 1.31
CA PHE C 186 -3.65 -27.76 0.62
C PHE C 186 -3.46 -29.18 1.13
N PRO C 187 -4.28 -30.14 0.63
CA PRO C 187 -4.11 -31.54 1.02
C PRO C 187 -2.71 -32.03 0.58
N GLU C 188 -2.14 -32.93 1.39
CA GLU C 188 -0.85 -33.60 1.09
C GLU C 188 -0.78 -34.02 -0.38
N GLU C 189 -1.87 -34.58 -0.91
CA GLU C 189 -1.85 -35.15 -2.29
C GLU C 189 -1.63 -34.02 -3.30
N THR C 190 -2.24 -32.86 -3.06
CA THR C 190 -2.05 -31.66 -3.90
C THR C 190 -0.60 -31.16 -3.76
N LYS C 191 -0.10 -31.02 -2.53
CA LYS C 191 1.28 -30.53 -2.27
C LYS C 191 2.29 -31.37 -3.08
N ALA C 192 2.06 -32.69 -3.14
CA ALA C 192 2.94 -33.67 -3.80
C ALA C 192 2.80 -33.63 -5.33
N ASN C 193 1.78 -32.98 -5.88
CA ASN C 193 1.55 -32.87 -7.33
C ASN C 193 2.58 -31.91 -7.95
N PRO C 194 3.37 -32.35 -8.97
CA PRO C 194 4.37 -31.47 -9.61
C PRO C 194 3.83 -30.23 -10.33
N LYS C 195 2.59 -30.26 -10.82
CA LYS C 195 1.95 -29.10 -11.49
C LYS C 195 1.59 -28.05 -10.44
N PHE C 196 1.14 -28.49 -9.27
CA PHE C 196 0.88 -27.60 -8.11
C PHE C 196 2.20 -27.00 -7.65
N GLN C 197 3.23 -27.82 -7.50
CA GLN C 197 4.59 -27.39 -7.08
C GLN C 197 5.09 -26.31 -8.07
N GLU C 198 4.87 -26.49 -9.37
CA GLU C 198 5.25 -25.47 -10.39
C GLU C 198 4.47 -24.16 -10.17
N ARG C 199 3.16 -24.24 -10.04
CA ARG C 199 2.33 -23.02 -9.84
C ARG C 199 2.76 -22.33 -8.54
N LEU C 200 2.97 -23.09 -7.48
CA LEU C 200 3.32 -22.53 -6.16
C LEU C 200 4.62 -21.74 -6.29
N LYS C 201 5.62 -22.27 -6.99
CA LYS C 201 6.94 -21.62 -7.08
C LYS C 201 6.83 -20.35 -7.92
N ARG C 202 5.98 -20.38 -8.93
CA ARG C 202 5.61 -19.22 -9.77
C ARG C 202 4.90 -18.14 -8.94
N ASP C 203 3.90 -18.50 -8.15
CA ASP C 203 2.96 -17.54 -7.54
C ASP C 203 3.45 -17.09 -6.16
N VAL C 204 4.30 -17.88 -5.52
CA VAL C 204 4.72 -17.61 -4.13
C VAL C 204 6.23 -17.57 -4.05
N PRO C 205 6.81 -16.36 -3.87
CA PRO C 205 8.26 -16.24 -3.88
C PRO C 205 8.97 -17.25 -2.97
N LEU C 206 8.39 -17.50 -1.78
CA LEU C 206 8.97 -18.45 -0.79
C LEU C 206 9.22 -19.81 -1.45
N GLY C 207 8.37 -20.18 -2.42
CA GLY C 207 8.53 -21.44 -3.19
C GLY C 207 8.04 -22.64 -2.41
N ARG C 208 7.37 -22.40 -1.30
CA ARG C 208 6.77 -23.46 -0.47
C ARG C 208 5.66 -22.79 0.33
N LEU C 209 4.80 -23.59 0.98
CA LEU C 209 3.80 -23.02 1.89
C LEU C 209 4.50 -22.59 3.18
N VAL C 210 3.99 -21.54 3.80
CA VAL C 210 4.38 -21.12 5.16
C VAL C 210 3.89 -22.24 6.09
N SER C 211 4.71 -22.73 7.02
CA SER C 211 4.28 -23.85 7.90
C SER C 211 3.27 -23.29 8.90
N LEU C 212 2.40 -24.14 9.43
CA LEU C 212 1.45 -23.74 10.48
C LEU C 212 2.27 -23.15 11.65
N ARG C 213 3.36 -23.81 12.00
CA ARG C 213 4.22 -23.39 13.14
C ARG C 213 4.82 -21.99 12.87
N GLU C 214 5.33 -21.73 11.67
CA GLU C 214 5.91 -20.39 11.35
C GLU C 214 4.85 -19.32 11.60
N ASP C 215 3.62 -19.55 11.12
CA ASP C 215 2.51 -18.58 11.28
C ASP C 215 2.27 -18.39 12.79
N ALA C 216 2.14 -19.49 13.51
CA ALA C 216 1.78 -19.45 14.94
C ALA C 216 2.90 -18.77 15.72
N LEU C 217 4.15 -19.01 15.35
CA LEU C 217 5.31 -18.41 16.07
C LEU C 217 5.30 -16.90 15.87
N PHE C 218 4.93 -16.43 14.68
CA PHE C 218 4.82 -14.98 14.43
C PHE C 218 3.65 -14.41 15.25
N ALA C 219 2.53 -15.11 15.30
CA ALA C 219 1.35 -14.74 16.12
C ALA C 219 1.86 -14.61 17.57
N ALA C 220 2.67 -15.57 18.00
CA ALA C 220 3.17 -15.60 19.40
C ALA C 220 4.07 -14.39 19.65
N TYR C 221 4.91 -14.03 18.70
CA TYR C 221 5.74 -12.80 18.83
C TYR C 221 4.81 -11.57 19.02
N LEU C 222 3.75 -11.46 18.24
CA LEU C 222 2.85 -10.26 18.28
C LEU C 222 2.10 -10.21 19.62
N CYS C 223 1.96 -11.35 20.27
CA CYS C 223 1.23 -11.48 21.55
C CYS C 223 2.19 -11.27 22.73
N SER C 224 3.47 -11.02 22.46
CA SER C 224 4.56 -10.91 23.45
C SER C 224 4.80 -9.45 23.83
N ASP C 225 5.38 -9.21 25.01
CA ASP C 225 5.67 -7.83 25.46
C ASP C 225 6.57 -7.11 24.46
N ALA C 226 7.48 -7.83 23.81
CA ALA C 226 8.41 -7.25 22.81
C ALA C 226 7.64 -6.53 21.70
N ALA C 227 6.42 -6.98 21.40
CA ALA C 227 5.58 -6.42 20.30
C ALA C 227 4.68 -5.27 20.79
N ASP C 228 4.93 -4.71 21.99
CA ASP C 228 4.07 -3.61 22.48
C ASP C 228 4.20 -2.38 21.60
N CYS C 229 5.26 -2.28 20.80
CA CYS C 229 5.48 -1.17 19.85
C CYS C 229 4.54 -1.23 18.63
N PHE C 230 3.86 -2.36 18.40
CA PHE C 230 2.97 -2.54 17.22
C PHE C 230 1.53 -2.26 17.61
N VAL C 231 0.95 -1.28 16.96
CA VAL C 231 -0.47 -0.88 17.14
C VAL C 231 -1.10 -0.71 15.76
N GLY C 232 -2.28 -1.27 15.58
CA GLY C 232 -3.10 -1.09 14.36
C GLY C 232 -2.33 -1.50 13.11
N GLN C 233 -1.47 -2.52 13.21
CA GLN C 233 -0.62 -2.94 12.07
C GLN C 233 -1.10 -4.29 11.50
N VAL C 234 -1.10 -4.37 10.18
CA VAL C 234 -1.38 -5.63 9.48
C VAL C 234 -0.05 -6.23 9.02
N PHE C 235 0.15 -7.52 9.30
CA PHE C 235 1.40 -8.21 8.95
C PHE C 235 1.07 -9.28 7.95
N PRO C 236 1.36 -9.08 6.66
CA PRO C 236 1.18 -10.16 5.70
C PRO C 236 2.08 -11.37 6.02
N VAL C 237 1.49 -12.55 6.00
CA VAL C 237 2.22 -13.82 6.16
C VAL C 237 1.79 -14.70 5.00
N SER C 238 2.44 -14.56 3.85
CA SER C 238 2.01 -15.31 2.64
C SER C 238 3.19 -15.69 1.76
N GLY C 239 4.39 -15.82 2.34
CA GLY C 239 5.60 -16.15 1.59
C GLY C 239 5.90 -15.22 0.41
N GLY C 240 5.55 -13.93 0.54
CA GLY C 240 5.83 -12.93 -0.51
C GLY C 240 4.69 -12.80 -1.51
N TRP C 241 3.67 -13.63 -1.46
CA TRP C 241 2.53 -13.49 -2.40
C TRP C 241 1.89 -12.11 -2.22
N ALA C 242 1.68 -11.70 -0.97
CA ALA C 242 1.35 -10.30 -0.61
C ALA C 242 2.36 -9.86 0.45
N VAL C 243 2.92 -8.68 0.33
CA VAL C 243 3.86 -8.13 1.34
C VAL C 243 3.36 -6.75 1.75
N ASN D 20 17.83 -15.61 25.45
CA ASN D 20 17.68 -17.08 25.28
C ASN D 20 18.70 -17.55 24.21
N SER D 21 18.29 -18.43 23.29
CA SER D 21 19.11 -19.06 22.22
C SER D 21 18.31 -19.05 20.90
N GLN D 22 17.54 -18.00 20.66
CA GLN D 22 16.76 -17.81 19.42
C GLN D 22 17.76 -17.72 18.25
N LEU D 23 18.97 -17.21 18.49
CA LEU D 23 20.00 -17.08 17.42
C LEU D 23 21.23 -17.94 17.70
N ALA D 24 21.09 -18.95 18.56
CA ALA D 24 22.20 -19.88 18.93
C ALA D 24 22.94 -20.36 17.67
N GLY D 25 24.25 -20.21 17.66
CA GLY D 25 25.14 -20.81 16.64
C GLY D 25 25.07 -20.09 15.32
N LYS D 26 24.53 -18.86 15.30
CA LYS D 26 24.49 -18.04 14.07
C LYS D 26 25.59 -16.99 14.11
N ARG D 27 26.38 -16.89 13.06
CA ARG D 27 27.36 -15.80 12.90
C ARG D 27 26.66 -14.65 12.19
N ILE D 28 26.53 -13.51 12.87
CA ILE D 28 25.78 -12.35 12.33
C ILE D 28 26.75 -11.18 12.21
N LEU D 29 26.94 -10.70 11.00
CA LEU D 29 27.80 -9.54 10.75
C LEU D 29 26.91 -8.29 10.73
N VAL D 30 27.24 -7.35 11.60
CA VAL D 30 26.51 -6.07 11.72
C VAL D 30 27.43 -4.98 11.22
N THR D 31 27.04 -4.30 10.14
CA THR D 31 27.78 -3.15 9.57
C THR D 31 27.53 -1.88 10.42
N GLN D 32 28.43 -0.92 10.29
CA GLN D 32 28.46 0.32 11.10
C GLN D 32 27.95 0.02 12.49
N ALA D 33 28.60 -0.93 13.18
CA ALA D 33 28.08 -1.55 14.43
C ALA D 33 28.10 -0.53 15.57
N ASP D 34 28.77 0.60 15.38
CA ASP D 34 28.90 1.70 16.38
C ASP D 34 27.88 2.81 16.15
N THR D 35 27.00 2.72 15.14
CA THR D 35 26.18 3.86 14.61
C THR D 35 24.71 3.45 14.47
N PHE D 36 23.73 4.37 14.62
CA PHE D 36 22.30 4.09 14.29
C PHE D 36 21.92 2.88 15.17
N MET D 37 21.45 1.80 14.57
CA MET D 37 20.89 0.69 15.37
C MET D 37 22.01 -0.27 15.77
N GLY D 38 23.23 -0.06 15.28
CA GLY D 38 24.36 -1.00 15.45
C GLY D 38 24.51 -1.46 16.90
N PRO D 39 24.73 -0.55 17.87
CA PRO D 39 25.04 -0.98 19.24
C PRO D 39 23.93 -1.84 19.85
N THR D 40 22.66 -1.41 19.67
CA THR D 40 21.53 -2.19 20.21
C THR D 40 21.50 -3.56 19.54
N LEU D 41 21.63 -3.64 18.21
CA LEU D 41 21.58 -4.92 17.45
C LEU D 41 22.68 -5.86 17.99
N CYS D 42 23.90 -5.36 18.15
CA CYS D 42 25.02 -6.20 18.66
C CYS D 42 24.70 -6.75 20.05
N GLU D 43 24.21 -5.91 20.94
CA GLU D 43 23.86 -6.31 22.33
C GLU D 43 22.77 -7.38 22.29
N VAL D 44 21.67 -7.10 21.59
CA VAL D 44 20.49 -8.00 21.63
C VAL D 44 20.81 -9.32 20.92
N PHE D 45 21.48 -9.28 19.77
CA PHE D 45 21.80 -10.53 19.02
C PHE D 45 22.68 -11.43 19.91
N ALA D 46 23.65 -10.85 20.62
CA ALA D 46 24.53 -11.64 21.52
C ALA D 46 23.68 -12.18 22.68
N GLU D 47 22.78 -11.35 23.22
CA GLU D 47 21.80 -11.76 24.25
C GLU D 47 21.03 -12.99 23.74
N MET D 48 20.69 -13.06 22.44
CA MET D 48 19.89 -14.16 21.84
C MET D 48 20.77 -15.31 21.33
N GLY D 49 22.06 -15.29 21.67
CA GLY D 49 22.96 -16.44 21.50
C GLY D 49 23.72 -16.37 20.18
N ALA D 50 23.65 -15.28 19.45
CA ALA D 50 24.42 -15.10 18.19
C ALA D 50 25.90 -14.92 18.50
N GLU D 51 26.76 -15.27 17.55
CA GLU D 51 28.17 -14.82 17.51
C GLU D 51 28.20 -13.57 16.62
N VAL D 52 28.35 -12.39 17.21
CA VAL D 52 28.24 -11.09 16.50
C VAL D 52 29.61 -10.75 15.98
N ILE D 53 29.71 -10.45 14.69
CA ILE D 53 30.87 -9.83 14.04
C ILE D 53 30.53 -8.35 13.84
N ALA D 54 31.10 -7.47 14.65
CA ALA D 54 30.83 -6.02 14.61
C ALA D 54 31.84 -5.37 13.70
N ASP D 55 31.42 -4.67 12.66
CA ASP D 55 32.35 -3.86 11.84
C ASP D 55 31.93 -2.40 11.96
N ASN D 56 32.89 -1.53 12.27
CA ASN D 56 32.59 -0.11 12.59
C ASN D 56 32.83 0.83 11.41
N ASN D 57 33.21 0.35 10.24
CA ASN D 57 33.56 1.27 9.11
C ASN D 57 32.31 1.93 8.51
N LEU D 58 32.40 3.23 8.22
CA LEU D 58 31.62 3.89 7.15
C LEU D 58 32.02 3.23 5.83
N LEU D 59 31.07 2.85 5.00
CA LEU D 59 31.43 2.00 3.84
C LEU D 59 31.36 2.81 2.56
N THR D 60 31.85 4.05 2.52
CA THR D 60 31.88 4.82 1.24
C THR D 60 32.94 4.29 0.29
N ASP D 61 34.00 3.65 0.82
CA ASP D 61 35.06 3.07 -0.04
C ASP D 61 34.48 1.86 -0.78
N PRO D 62 34.41 1.89 -2.13
CA PRO D 62 33.87 0.77 -2.91
C PRO D 62 34.54 -0.58 -2.66
N ALA D 63 35.82 -0.59 -2.26
CA ALA D 63 36.60 -1.84 -2.06
C ALA D 63 36.30 -2.46 -0.71
N LEU D 64 35.75 -1.72 0.25
CA LEU D 64 35.75 -2.17 1.66
C LEU D 64 34.74 -3.27 1.95
N PRO D 65 33.47 -3.23 1.46
CA PRO D 65 32.52 -4.32 1.77
C PRO D 65 33.05 -5.74 1.46
N ALA D 66 33.61 -5.93 0.28
CA ALA D 66 34.12 -7.25 -0.16
C ALA D 66 35.18 -7.75 0.85
N LYS D 67 36.03 -6.85 1.34
CA LYS D 67 37.14 -7.22 2.28
C LYS D 67 36.56 -7.62 3.63
N ILE D 68 35.55 -6.88 4.12
CA ILE D 68 34.92 -7.16 5.43
C ILE D 68 34.26 -8.56 5.36
N ILE D 69 33.54 -8.84 4.28
CA ILE D 69 32.84 -10.14 4.13
C ILE D 69 33.89 -11.24 3.98
N GLN D 70 34.90 -10.99 3.15
CA GLN D 70 35.97 -11.99 2.92
C GLN D 70 36.63 -12.37 4.27
N GLN D 71 36.95 -11.39 5.12
CA GLN D 71 37.74 -11.65 6.36
C GLN D 71 36.88 -12.41 7.36
N ALA D 72 35.54 -12.34 7.24
CA ALA D 72 34.66 -12.92 8.27
C ALA D 72 34.55 -14.44 8.13
N GLY D 73 34.83 -15.02 6.97
CA GLY D 73 34.66 -16.47 6.74
C GLY D 73 33.19 -16.80 6.58
N HIS D 74 32.61 -17.61 7.47
CA HIS D 74 31.19 -18.02 7.42
C HIS D 74 30.32 -16.88 7.97
N ILE D 75 29.32 -16.44 7.22
CA ILE D 75 28.29 -15.50 7.75
C ILE D 75 26.90 -16.11 7.56
N ASP D 76 26.14 -16.32 8.64
CA ASP D 76 24.75 -16.87 8.56
C ASP D 76 23.80 -15.72 8.24
N VAL D 77 24.05 -14.57 8.84
CA VAL D 77 23.15 -13.39 8.69
C VAL D 77 23.98 -12.15 8.49
N LEU D 78 23.68 -11.40 7.42
CA LEU D 78 24.27 -10.06 7.20
C LEU D 78 23.24 -9.01 7.56
N VAL D 79 23.54 -8.15 8.53
CA VAL D 79 22.66 -7.01 8.90
C VAL D 79 23.25 -5.74 8.31
N ILE D 80 22.60 -5.24 7.27
CA ILE D 80 23.05 -4.03 6.54
C ILE D 80 22.48 -2.82 7.28
N ASN D 81 23.28 -2.31 8.18
CA ASN D 81 23.01 -1.14 9.02
C ASN D 81 23.89 -0.03 8.46
N LEU D 82 23.28 0.85 7.65
CA LEU D 82 24.02 1.89 6.92
C LEU D 82 23.36 3.21 7.30
N ALA D 83 24.14 4.22 7.69
CA ALA D 83 23.55 5.53 8.03
C ALA D 83 24.59 6.64 7.97
N ILE D 84 24.15 7.83 7.57
CA ILE D 84 24.77 9.13 7.93
C ILE D 84 23.66 9.95 8.55
N PRO D 85 23.93 11.03 9.30
CA PRO D 85 22.84 11.87 9.78
C PRO D 85 22.11 12.37 8.54
N ALA D 86 20.78 12.35 8.57
CA ALA D 86 19.91 12.65 7.41
C ALA D 86 20.01 14.14 7.12
N PRO D 87 20.33 14.57 5.89
CA PRO D 87 20.22 15.96 5.52
C PRO D 87 18.82 16.50 5.82
N PHE D 88 18.75 17.76 6.26
CA PHE D 88 17.51 18.53 6.53
C PHE D 88 17.30 19.56 5.41
N THR D 89 18.09 19.52 4.33
CA THR D 89 18.11 20.52 3.24
C THR D 89 16.73 20.62 2.56
N LYS D 90 16.26 21.85 2.32
CA LYS D 90 15.05 22.11 1.51
C LYS D 90 15.22 21.49 0.14
N GLY D 91 14.17 20.81 -0.35
CA GLY D 91 14.28 20.09 -1.63
C GLY D 91 14.78 20.91 -2.78
N GLU D 92 14.45 22.20 -2.85
CA GLU D 92 14.86 23.00 -4.03
C GLU D 92 16.31 23.46 -3.89
N LEU D 93 16.98 23.16 -2.79
CA LEU D 93 18.36 23.65 -2.50
C LEU D 93 19.35 22.49 -2.45
N VAL D 94 18.90 21.26 -2.70
CA VAL D 94 19.84 20.10 -2.69
C VAL D 94 20.88 20.22 -3.80
N ASP D 95 22.15 19.92 -3.50
CA ASP D 95 23.22 19.90 -4.53
C ASP D 95 23.83 18.50 -4.66
N ASP D 96 24.69 18.35 -5.65
CA ASP D 96 25.30 17.05 -6.02
C ASP D 96 26.09 16.47 -4.86
N SER D 97 26.75 17.31 -4.05
CA SER D 97 27.60 16.77 -2.96
C SER D 97 26.74 16.10 -1.87
N GLU D 98 25.57 16.64 -1.54
CA GLU D 98 24.66 16.02 -0.54
C GLU D 98 24.10 14.71 -1.12
N TRP D 99 23.69 14.74 -2.38
CA TRP D 99 23.12 13.56 -3.07
C TRP D 99 24.18 12.46 -3.08
N SER D 100 25.38 12.82 -3.50
CA SER D 100 26.52 11.86 -3.60
C SER D 100 26.85 11.26 -2.23
N ALA D 101 26.98 12.10 -1.20
CA ALA D 101 27.37 11.72 0.16
C ALA D 101 26.34 10.73 0.72
N THR D 102 25.06 11.01 0.51
CA THR D 102 23.99 10.19 1.09
C THR D 102 23.95 8.85 0.35
N PHE D 103 23.93 8.86 -0.97
CA PHE D 103 23.82 7.58 -1.73
C PHE D 103 25.12 6.79 -1.54
N SER D 104 26.28 7.45 -1.44
CA SER D 104 27.57 6.72 -1.27
C SER D 104 27.58 5.92 0.03
N ALA D 105 26.96 6.43 1.08
CA ALA D 105 27.01 5.83 2.43
C ALA D 105 25.89 4.83 2.62
N VAL D 106 24.69 5.14 2.10
CA VAL D 106 23.44 4.43 2.47
C VAL D 106 23.05 3.43 1.39
N VAL D 107 23.34 3.71 0.13
CA VAL D 107 22.81 2.91 -1.00
C VAL D 107 23.92 2.06 -1.61
N ASP D 108 24.96 2.71 -2.10
CA ASP D 108 25.98 2.06 -2.94
C ASP D 108 26.58 0.88 -2.19
N PRO D 109 26.83 0.92 -0.86
CA PRO D 109 27.51 -0.21 -0.22
C PRO D 109 26.64 -1.48 -0.16
N MET D 110 25.32 -1.29 -0.26
CA MET D 110 24.33 -2.38 -0.09
C MET D 110 24.59 -3.54 -1.06
N PRO D 111 24.62 -3.34 -2.40
CA PRO D 111 24.87 -4.46 -3.29
C PRO D 111 26.30 -4.98 -3.23
N ARG D 112 27.24 -4.12 -2.85
CA ARG D 112 28.64 -4.53 -2.64
C ARG D 112 28.65 -5.59 -1.53
N LEU D 113 27.95 -5.34 -0.43
CA LEU D 113 27.85 -6.30 0.68
C LEU D 113 27.11 -7.56 0.22
N CYS D 114 26.00 -7.41 -0.51
CA CYS D 114 25.19 -8.59 -0.90
C CYS D 114 25.95 -9.46 -1.92
N THR D 115 26.54 -8.85 -2.93
CA THR D 115 27.30 -9.62 -3.94
C THR D 115 28.49 -10.30 -3.30
N ALA D 116 29.04 -9.73 -2.23
CA ALA D 116 30.18 -10.34 -1.52
C ALA D 116 29.72 -11.58 -0.74
N VAL D 117 28.60 -11.52 -0.01
CA VAL D 117 28.16 -12.62 0.90
C VAL D 117 27.29 -13.64 0.15
N LEU D 118 26.61 -13.28 -0.93
CA LEU D 118 25.58 -14.21 -1.45
C LEU D 118 26.18 -15.51 -2.00
N PRO D 119 27.37 -15.53 -2.64
CA PRO D 119 27.92 -16.79 -3.15
C PRO D 119 27.98 -17.90 -2.10
N GLN D 120 28.46 -17.64 -0.89
CA GLN D 120 28.52 -18.70 0.16
C GLN D 120 27.12 -19.11 0.55
N MET D 121 26.17 -18.17 0.58
CA MET D 121 24.78 -18.51 0.92
C MET D 121 24.13 -19.34 -0.21
N ILE D 122 24.35 -18.95 -1.47
CA ILE D 122 23.77 -19.71 -2.62
C ILE D 122 24.37 -21.13 -2.59
N GLU D 123 25.65 -21.25 -2.30
CA GLU D 123 26.35 -22.56 -2.35
C GLU D 123 25.73 -23.50 -1.32
N ARG D 124 25.38 -23.03 -0.10
CA ARG D 124 24.85 -23.90 0.97
C ARG D 124 23.31 -23.86 0.97
N GLN D 125 22.71 -23.06 0.11
CA GLN D 125 21.25 -22.85 0.02
C GLN D 125 20.72 -22.41 1.39
N GLY D 126 21.34 -21.38 1.99
CA GLY D 126 20.84 -20.81 3.24
C GLY D 126 21.55 -19.52 3.56
N GLY D 127 20.85 -18.66 4.31
CA GLY D 127 21.39 -17.42 4.83
C GLY D 127 20.35 -16.32 4.81
N LYS D 128 20.66 -15.24 5.51
CA LYS D 128 19.71 -14.12 5.63
C LYS D 128 20.45 -12.82 5.43
N ILE D 129 19.78 -11.84 4.83
CA ILE D 129 20.23 -10.44 4.73
C ILE D 129 19.07 -9.57 5.21
N LEU D 130 19.33 -8.78 6.25
CA LEU D 130 18.32 -7.86 6.81
C LEU D 130 18.84 -6.44 6.60
N VAL D 131 18.05 -5.59 5.96
CA VAL D 131 18.40 -4.17 5.78
C VAL D 131 17.70 -3.38 6.88
N MET D 132 18.47 -2.59 7.64
CA MET D 132 17.89 -1.66 8.63
C MET D 132 17.56 -0.36 7.90
N GLY D 133 16.35 -0.29 7.39
CA GLY D 133 15.90 0.84 6.58
C GLY D 133 15.01 1.80 7.34
N SER D 134 14.40 2.69 6.58
CA SER D 134 13.66 3.87 7.09
C SER D 134 12.24 3.93 6.54
N ALA D 135 11.26 4.16 7.41
CA ALA D 135 9.85 4.45 7.02
C ALA D 135 9.74 5.79 6.28
N SER D 136 10.78 6.64 6.23
CA SER D 136 10.80 7.87 5.38
C SER D 136 10.65 7.49 3.90
N ALA D 137 11.04 6.27 3.50
CA ALA D 137 10.89 5.76 2.13
C ALA D 137 9.44 5.38 1.86
N LEU D 138 8.63 5.16 2.90
CA LEU D 138 7.23 4.68 2.75
C LEU D 138 6.27 5.86 2.76
N ARG D 139 6.48 6.80 3.67
CA ARG D 139 5.57 7.96 3.91
C ARG D 139 6.37 9.24 3.78
N GLY D 140 5.85 10.17 3.01
CA GLY D 140 6.50 11.45 2.72
C GLY D 140 6.60 12.31 3.96
N MET D 141 7.77 12.91 4.12
CA MET D 141 7.96 13.91 5.20
C MET D 141 8.73 15.09 4.58
N LYS D 142 8.55 16.27 5.16
CA LYS D 142 9.23 17.48 4.66
C LYS D 142 10.71 17.49 5.05
N ARG D 143 11.53 18.14 4.21
CA ARG D 143 12.97 18.35 4.51
C ARG D 143 13.68 17.01 4.72
N ALA D 144 13.31 16.01 3.93
CA ALA D 144 14.01 14.70 4.01
C ALA D 144 14.14 14.08 2.61
N SER D 145 14.15 14.88 1.56
CA SER D 145 14.02 14.37 0.18
C SER D 145 15.21 13.45 -0.15
N THR D 146 16.45 13.89 0.09
CA THR D 146 17.63 13.09 -0.31
C THR D 146 17.62 11.77 0.46
N TYR D 147 17.47 11.86 1.78
CA TYR D 147 17.49 10.67 2.67
C TYR D 147 16.37 9.71 2.28
N SER D 148 15.15 10.22 2.10
CA SER D 148 13.99 9.41 1.68
C SER D 148 14.29 8.63 0.39
N ALA D 149 14.88 9.28 -0.62
CA ALA D 149 15.19 8.70 -1.93
C ALA D 149 16.18 7.57 -1.70
N ALA D 150 17.20 7.82 -0.91
CA ALA D 150 18.26 6.82 -0.65
C ALA D 150 17.60 5.63 0.05
N ARG D 151 16.77 5.87 1.06
CA ARG D 151 16.09 4.79 1.81
C ARG D 151 15.12 4.04 0.90
N GLY D 152 14.52 4.71 -0.07
CA GLY D 152 13.65 4.02 -1.06
C GLY D 152 14.42 3.04 -1.95
N ALA D 153 15.64 3.39 -2.36
CA ALA D 153 16.54 2.50 -3.11
C ALA D 153 16.78 1.23 -2.29
N GLN D 154 16.96 1.34 -0.98
CA GLN D 154 17.19 0.16 -0.13
C GLN D 154 15.94 -0.73 -0.14
N LEU D 155 14.75 -0.18 0.10
CA LEU D 155 13.53 -1.00 0.24
C LEU D 155 13.18 -1.68 -1.09
N SER D 156 13.34 -1.00 -2.23
CA SER D 156 13.00 -1.60 -3.54
C SER D 156 14.06 -2.66 -3.89
N TYR D 157 15.31 -2.44 -3.49
CA TYR D 157 16.36 -3.46 -3.70
C TYR D 157 15.94 -4.72 -2.95
N VAL D 158 15.55 -4.57 -1.69
CA VAL D 158 15.15 -5.73 -0.84
C VAL D 158 13.96 -6.48 -1.46
N LYS D 159 12.93 -5.77 -1.88
CA LYS D 159 11.76 -6.44 -2.47
C LYS D 159 12.19 -7.28 -3.68
N ALA D 160 13.03 -6.76 -4.57
CA ALA D 160 13.46 -7.46 -5.80
C ALA D 160 14.39 -8.64 -5.45
N MET D 161 15.41 -8.34 -4.64
CA MET D 161 16.41 -9.36 -4.23
C MET D 161 15.71 -10.45 -3.43
N GLY D 162 14.74 -10.11 -2.58
CA GLY D 162 14.08 -11.14 -1.76
C GLY D 162 13.34 -12.14 -2.63
N VAL D 163 12.68 -11.66 -3.66
CA VAL D 163 11.97 -12.55 -4.62
C VAL D 163 13.04 -13.38 -5.35
N GLU D 164 14.09 -12.74 -5.80
CA GLU D 164 15.12 -13.42 -6.59
C GLU D 164 15.84 -14.52 -5.79
N MET D 165 16.14 -14.31 -4.50
CA MET D 165 17.02 -15.22 -3.71
C MET D 165 16.20 -16.24 -2.92
N ALA D 166 14.90 -16.04 -2.75
CA ALA D 166 14.02 -16.94 -1.98
C ALA D 166 14.15 -18.38 -2.48
N PRO D 167 14.13 -18.66 -3.80
CA PRO D 167 14.25 -20.04 -4.29
C PRO D 167 15.60 -20.72 -3.98
N GLN D 168 16.62 -19.94 -3.65
CA GLN D 168 17.96 -20.48 -3.24
C GLN D 168 18.00 -20.66 -1.75
N GLY D 169 16.88 -20.48 -1.08
CA GLY D 169 16.75 -20.71 0.36
C GLY D 169 17.39 -19.58 1.15
N ILE D 170 17.42 -18.37 0.60
CA ILE D 170 17.96 -17.17 1.28
C ILE D 170 16.81 -16.19 1.58
N GLN D 171 16.79 -15.61 2.76
CA GLN D 171 15.74 -14.64 3.13
C GLN D 171 16.34 -13.23 3.19
N ILE D 172 15.82 -12.32 2.37
CA ILE D 172 16.26 -10.91 2.35
C ILE D 172 15.05 -10.06 2.67
N ASN D 173 15.11 -9.31 3.75
CA ASN D 173 13.98 -8.52 4.27
C ASN D 173 14.50 -7.16 4.75
N ALA D 174 13.60 -6.26 5.07
CA ALA D 174 14.00 -4.95 5.62
C ALA D 174 13.08 -4.57 6.77
N ILE D 175 13.63 -3.82 7.72
CA ILE D 175 12.81 -3.00 8.65
C ILE D 175 12.79 -1.59 8.07
N ALA D 176 11.64 -0.89 8.18
CA ALA D 176 11.52 0.53 7.75
C ALA D 176 11.08 1.30 9.00
N GLN D 177 12.06 1.85 9.72
CA GLN D 177 11.82 2.39 11.06
C GLN D 177 11.66 3.92 11.01
N ASN D 178 10.95 4.41 12.04
CA ASN D 178 10.84 5.84 12.37
C ASN D 178 10.37 5.91 13.82
N PHE D 179 10.60 7.03 14.49
CA PHE D 179 10.16 7.25 15.90
C PHE D 179 10.66 6.12 16.80
N VAL D 180 11.90 5.73 16.59
CA VAL D 180 12.65 4.86 17.52
C VAL D 180 13.47 5.81 18.42
N ASP D 181 13.68 5.42 19.66
CA ASP D 181 14.32 6.25 20.73
C ASP D 181 15.84 6.27 20.50
N ASN D 182 16.24 6.91 19.41
CA ASN D 182 17.64 6.96 18.92
C ASN D 182 18.14 8.34 19.35
N PRO D 183 19.15 8.46 20.23
CA PRO D 183 19.58 9.77 20.70
C PRO D 183 20.12 10.71 19.61
N THR D 184 20.51 10.18 18.45
CA THR D 184 20.94 11.02 17.30
C THR D 184 19.80 12.01 16.99
N TYR D 185 18.56 11.55 17.03
CA TYR D 185 17.40 12.31 16.52
C TYR D 185 16.51 12.77 17.67
N PHE D 186 16.48 12.05 18.80
CA PHE D 186 15.61 12.32 19.98
C PHE D 186 16.44 12.40 21.27
N PRO D 187 17.27 13.44 21.41
CA PRO D 187 18.07 13.61 22.65
C PRO D 187 17.17 14.00 23.83
N GLU D 188 17.66 13.89 25.07
CA GLU D 188 16.80 14.06 26.26
C GLU D 188 16.13 15.44 26.22
N GLU D 189 16.82 16.46 25.67
CA GLU D 189 16.32 17.86 25.63
C GLU D 189 15.03 17.91 24.80
N THR D 190 15.06 17.33 23.60
CA THR D 190 13.87 17.21 22.74
C THR D 190 12.79 16.43 23.46
N LYS D 191 13.13 15.29 24.07
CA LYS D 191 12.08 14.43 24.64
C LYS D 191 11.41 15.12 25.83
N ALA D 192 12.11 16.06 26.47
CA ALA D 192 11.57 16.67 27.70
C ALA D 192 10.63 17.82 27.35
N ASN D 193 10.76 18.37 26.15
CA ASN D 193 9.89 19.49 25.70
C ASN D 193 8.44 18.99 25.61
N PRO D 194 7.46 19.63 26.30
CA PRO D 194 6.08 19.17 26.28
C PRO D 194 5.46 19.38 24.90
N LYS D 195 6.03 20.31 24.12
CA LYS D 195 5.56 20.55 22.72
C LYS D 195 6.05 19.42 21.80
N PHE D 196 7.15 18.78 22.14
CA PHE D 196 7.61 17.55 21.44
C PHE D 196 6.67 16.41 21.84
N GLN D 197 6.30 16.32 23.12
CA GLN D 197 5.47 15.22 23.66
C GLN D 197 4.04 15.29 23.09
N GLU D 198 3.57 16.51 22.80
CA GLU D 198 2.23 16.81 22.24
C GLU D 198 2.21 16.35 20.79
N ARG D 199 3.16 16.84 20.00
CA ARG D 199 3.33 16.50 18.57
C ARG D 199 3.45 14.97 18.44
N LEU D 200 4.33 14.37 19.23
CA LEU D 200 4.60 12.90 19.16
C LEU D 200 3.27 12.17 19.35
N LYS D 201 2.46 12.56 20.34
CA LYS D 201 1.18 11.85 20.61
C LYS D 201 0.19 12.11 19.46
N ARG D 202 0.29 13.24 18.79
CA ARG D 202 -0.51 13.54 17.58
C ARG D 202 -0.07 12.64 16.42
N ASP D 203 1.24 12.53 16.17
CA ASP D 203 1.75 11.99 14.88
C ASP D 203 1.96 10.47 14.98
N VAL D 204 2.10 9.91 16.19
CA VAL D 204 2.55 8.51 16.39
C VAL D 204 1.49 7.79 17.21
N PRO D 205 0.65 6.95 16.54
CA PRO D 205 -0.44 6.29 17.24
C PRO D 205 0.01 5.63 18.56
N LEU D 206 1.19 5.03 18.57
CA LEU D 206 1.73 4.34 19.76
C LEU D 206 1.75 5.31 20.95
N GLY D 207 1.98 6.60 20.70
CA GLY D 207 1.92 7.63 21.76
C GLY D 207 3.26 7.76 22.48
N ARG D 208 4.30 7.05 22.02
CA ARG D 208 5.66 7.13 22.57
C ARG D 208 6.63 6.66 21.49
N LEU D 209 7.90 6.90 21.67
CA LEU D 209 8.92 6.35 20.76
C LEU D 209 8.96 4.83 20.91
N VAL D 210 9.17 4.14 19.79
CA VAL D 210 9.56 2.70 19.82
C VAL D 210 10.92 2.64 20.55
N SER D 211 11.12 1.67 21.41
CA SER D 211 12.41 1.52 22.14
C SER D 211 13.46 0.94 21.20
N LEU D 212 14.72 1.27 21.41
CA LEU D 212 15.83 0.58 20.70
C LEU D 212 15.68 -0.94 20.87
N ARG D 213 15.37 -1.41 22.07
CA ARG D 213 15.27 -2.85 22.37
C ARG D 213 14.13 -3.48 21.57
N GLU D 214 12.97 -2.82 21.54
CA GLU D 214 11.81 -3.32 20.76
C GLU D 214 12.24 -3.50 19.29
N ASP D 215 12.88 -2.48 18.74
CA ASP D 215 13.34 -2.51 17.31
C ASP D 215 14.29 -3.70 17.12
N ALA D 216 15.29 -3.83 17.98
CA ALA D 216 16.33 -4.88 17.89
C ALA D 216 15.73 -6.26 18.12
N LEU D 217 14.73 -6.42 19.01
CA LEU D 217 14.15 -7.76 19.25
C LEU D 217 13.37 -8.16 18.00
N PHE D 218 12.77 -7.18 17.31
CA PHE D 218 12.03 -7.50 16.07
C PHE D 218 13.05 -7.95 15.01
N ALA D 219 14.14 -7.22 14.90
CA ALA D 219 15.25 -7.61 14.00
C ALA D 219 15.74 -9.02 14.34
N ALA D 220 15.88 -9.34 15.64
CA ALA D 220 16.37 -10.67 16.09
C ALA D 220 15.39 -11.73 15.62
N TYR D 221 14.07 -11.48 15.78
CA TYR D 221 13.04 -12.41 15.27
C TYR D 221 13.28 -12.67 13.78
N LEU D 222 13.49 -11.59 13.00
CA LEU D 222 13.63 -11.74 11.54
C LEU D 222 14.91 -12.50 11.18
N CYS D 223 15.90 -12.56 12.08
CA CYS D 223 17.17 -13.29 11.86
C CYS D 223 17.05 -14.74 12.34
N SER D 224 15.91 -15.16 12.88
CA SER D 224 15.71 -16.52 13.44
C SER D 224 15.16 -17.45 12.38
N ASP D 225 15.31 -18.75 12.62
CA ASP D 225 14.75 -19.83 11.77
C ASP D 225 13.24 -19.66 11.69
N ALA D 226 12.57 -19.23 12.75
CA ALA D 226 11.09 -19.12 12.68
C ALA D 226 10.67 -18.16 11.53
N ALA D 227 11.52 -17.18 11.20
CA ALA D 227 11.26 -16.13 10.18
C ALA D 227 11.73 -16.58 8.78
N ASP D 228 12.02 -17.87 8.58
CA ASP D 228 12.37 -18.41 7.23
C ASP D 228 11.25 -18.24 6.20
N CYS D 229 10.02 -18.05 6.69
CA CYS D 229 8.81 -17.84 5.85
C CYS D 229 8.78 -16.42 5.27
N PHE D 230 9.56 -15.48 5.77
CA PHE D 230 9.56 -14.08 5.27
C PHE D 230 10.67 -13.89 4.23
N VAL D 231 10.25 -13.54 3.02
CA VAL D 231 11.13 -13.23 1.88
C VAL D 231 10.68 -11.91 1.22
N GLY D 232 11.64 -11.03 0.97
CA GLY D 232 11.48 -9.74 0.26
C GLY D 232 10.42 -8.86 0.90
N GLN D 233 10.27 -8.98 2.21
CA GLN D 233 9.22 -8.23 2.94
C GLN D 233 9.79 -7.03 3.69
N VAL D 234 9.05 -5.91 3.63
CA VAL D 234 9.37 -4.71 4.42
C VAL D 234 8.46 -4.66 5.64
N PHE D 235 9.02 -4.47 6.83
CA PHE D 235 8.29 -4.40 8.12
C PHE D 235 8.41 -2.99 8.66
N PRO D 236 7.36 -2.17 8.53
CA PRO D 236 7.36 -0.86 9.19
C PRO D 236 7.49 -1.04 10.72
N VAL D 237 8.35 -0.24 11.35
CA VAL D 237 8.54 -0.23 12.82
C VAL D 237 8.57 1.26 13.18
N SER D 238 7.40 1.86 13.37
CA SER D 238 7.29 3.33 13.57
C SER D 238 6.10 3.69 14.46
N GLY D 239 5.62 2.77 15.29
CA GLY D 239 4.52 3.00 16.26
C GLY D 239 3.24 3.41 15.55
N GLY D 240 3.08 2.99 14.30
CA GLY D 240 1.86 3.24 13.53
C GLY D 240 1.94 4.46 12.65
N TRP D 241 3.01 5.24 12.75
CA TRP D 241 3.22 6.41 11.87
C TRP D 241 3.16 5.95 10.41
N ALA D 242 3.81 4.83 10.10
CA ALA D 242 3.69 4.12 8.82
C ALA D 242 3.44 2.67 9.16
N VAL D 243 2.44 2.07 8.52
CA VAL D 243 2.12 0.63 8.75
C VAL D 243 2.09 -0.01 7.37
C3' NHE E . -16.42 9.68 8.58
C2' NHE E . -15.94 11.03 8.10
C1' NHE E . -14.58 11.00 7.40
C6' NHE E . -13.95 9.66 7.16
N NHE E . -14.32 11.97 6.29
C1 NHE E . -15.29 12.94 5.80
C2 NHE E . -16.02 12.46 4.55
S NHE E . -15.12 12.48 3.14
O1 NHE E . -16.06 12.37 1.93
O2 NHE E . -14.20 13.57 3.06
O3 NHE E . -14.40 11.19 3.35
C5' NHE E . -14.37 8.43 7.99
C4' NHE E . -15.38 8.74 9.08
C3' NHE F . 11.35 -4.09 -14.78
C2' NHE F . 10.06 -4.38 -15.54
C1' NHE F . 10.08 -3.78 -16.91
C6' NHE F . 11.31 -4.25 -17.72
N NHE F . 8.84 -4.22 -17.60
C1 NHE F . 8.46 -3.32 -18.74
C2 NHE F . 8.34 -1.80 -18.40
S NHE F . 7.20 -0.94 -19.35
O1 NHE F . 5.96 -1.68 -19.27
O2 NHE F . 7.09 0.43 -18.65
O3 NHE F . 7.76 -0.93 -20.67
C5' NHE F . 12.64 -3.97 -17.00
C4' NHE F . 12.63 -4.42 -15.53
C1 GOL G . 9.76 3.09 -2.90
O1 GOL G . 8.89 4.15 -2.52
C2 GOL G . 9.25 1.78 -2.39
O2 GOL G . 10.32 0.99 -1.87
C3 GOL G . 8.17 1.89 -1.36
O3 GOL G . 6.93 2.09 -2.02
C1 GOL H . 24.25 9.01 -6.26
O1 GOL H . 23.52 7.85 -6.71
C2 GOL H . 25.75 8.84 -5.95
O2 GOL H . 26.16 7.55 -5.51
C3 GOL H . 26.67 9.26 -7.10
O3 GOL H . 27.93 9.72 -6.63
C3' NHE I . -9.84 -18.87 0.73
C2' NHE I . -8.67 -19.85 0.71
C1' NHE I . -7.38 -19.20 0.33
C6' NHE I . -7.36 -17.76 0.78
N NHE I . -6.34 -20.14 0.79
C1 NHE I . -5.66 -19.85 2.02
C2 NHE I . -5.86 -20.70 3.26
S NHE I . -4.59 -20.08 4.18
O1 NHE I . -4.96 -18.50 4.01
O2 NHE I . -4.63 -20.31 5.52
O3 NHE I . -3.36 -20.42 3.48
C5' NHE I . -8.46 -16.92 0.07
C4' NHE I . -9.68 -17.76 -0.30
C3' NHE J . 13.87 10.50 8.27
C2' NHE J . 13.28 10.17 9.59
C1' NHE J . 14.36 10.00 10.65
C6' NHE J . 15.09 11.31 10.76
N NHE J . 13.65 9.76 11.91
C1 NHE J . 14.41 9.33 13.06
C2 NHE J . 15.29 8.13 12.86
S NHE J . 14.76 6.79 13.67
O1 NHE J . 13.65 6.85 14.74
O2 NHE J . 14.10 6.43 12.42
O3 NHE J . 15.75 5.79 13.87
C5' NHE J . 15.71 11.64 9.43
C4' NHE J . 14.64 11.77 8.34
#